data_5L3G
#
_entry.id   5L3G
#
_cell.length_a   119.864
_cell.length_b   179.490
_cell.length_c   236.985
_cell.angle_alpha   90.00
_cell.angle_beta   90.00
_cell.angle_gamma   90.00
#
_symmetry.space_group_name_H-M   'I 2 2 2'
#
loop_
_entity.id
_entity.type
_entity.pdbx_description
1 polymer 'Lysine-specific histone demethylase 1A'
2 polymer 'REST corepressor 1'
3 polymer 'polymyxin E'
4 non-polymer 'FLAVIN-ADENINE DINUCLEOTIDE'
5 non-polymer 'SODIUM ION'
#
loop_
_entity_poly.entity_id
_entity_poly.type
_entity_poly.pdbx_seq_one_letter_code
_entity_poly.pdbx_strand_id
1 'polypeptide(L)'
;MDESLANLSEDEYYSEEERNAKAEKEKKLPPPPPQAPPEEENESEPEEPSGVEGAAFQSRLPHDRMTSQEAACFPDIISG
PQQTQKVFLFIRNRTLQLWLDNPKIQLTFEATLQQLEAPYNSDTVLVHRVHSYLERHGLINFGIYKRIKPLPTKKTGKVI
IIGSGVSGLAAARQLQSFGMDVTLLEARDRVGGRVATFRKGNYVADLGAMVVTGLGGNPMAVVSKQVNMELAKIKQKCPL
YEANGQAVPKEKDEMVEQEFNRLLEATSYLSHQLDFNVLNNKPVSLGQALEVVIQLQEKHVKDEQIEHWKKIVKTQEELK
ELLNKMVNLKEKIKELHQQYKEASEVKPPRDITAEFLVKSKHRDLTALCKEYDELAETQGKLEEKLQELEANPPSDVYLS
SRDRQILDWHFANLEFANATPLSTLSLKHWDQDDDFEFTGSHLTVRNGYSCVPVALAEGLDIKLNTAVRQVRYTASGCEV
IAVNTRSTSQTFIYKCDAVLCTLPLGVLKQQPPAVQFVPPLPEWKTSAVQRMGFGNLNKVVLCFDRVFWDPSVNLFGHVG
STTASRGELFLFWNLYKAPILLALVAGEAAGIMENISDDVIVGRCLAILKGIFGSSAVPQPKETVVSRWRADPWARGSYS
YVAAGSSGNDYDLMAQPITPGPSIPGAPQPIPRLFFAGEHTIRNYPATVHGALLSGLREAGRIADQFLGAMYTLPRQATP
GVPAQQSPSM
;
A
2 'polypeptide(L)'
;RAKRKPPKGMFLSQEDVEAVSANATAATTVLRQLDMELVSVKRQIQNIKQTNSALKEKLDGGIEPYRLPEVIQKCNARWT
TEEQLLAVQAIRKYGRDFQAISDVIGNKSVVQVKNFFVNYRRRFNIDEVLQEWEAEHGKEETNGPSNQKPVKSPDNSIKM
PEEEDEAPVLDVRYASAS
;
B
3 'polypeptide(L)' (6F5)(4FO)(DTH)(4FO)(4FO)(DAB)LL(DAB)(DAB)(DTH) C
#
# COMPACT_ATOMS: atom_id res chain seq x y z
N PRO A 49 11.52 -15.83 20.19
CA PRO A 49 11.86 -15.98 21.61
C PRO A 49 12.75 -17.21 21.89
N SER A 50 12.95 -17.54 23.17
CA SER A 50 13.83 -18.65 23.56
C SER A 50 13.36 -19.34 24.84
N GLY A 51 13.61 -20.65 24.97
CA GLY A 51 13.22 -21.41 26.15
C GLY A 51 11.96 -22.24 25.90
N VAL A 52 11.08 -22.39 26.91
CA VAL A 52 9.79 -23.02 26.63
C VAL A 52 8.87 -22.02 25.95
N GLU A 53 9.06 -20.75 26.26
CA GLU A 53 8.32 -19.69 25.60
C GLU A 53 8.63 -19.72 24.10
N GLY A 54 9.85 -20.16 23.79
CA GLY A 54 10.28 -20.33 22.43
C GLY A 54 9.41 -21.35 21.73
N ALA A 55 9.30 -22.51 22.38
CA ALA A 55 8.43 -23.58 21.91
C ALA A 55 7.01 -23.10 21.65
N ALA A 56 6.45 -22.33 22.58
CA ALA A 56 5.08 -21.85 22.42
C ALA A 56 4.97 -20.88 21.25
N PHE A 57 5.99 -20.05 21.08
CA PHE A 57 5.96 -19.12 19.96
C PHE A 57 6.01 -19.85 18.58
N GLN A 58 6.83 -20.90 18.59
CA GLN A 58 7.08 -21.73 17.43
C GLN A 58 5.86 -22.62 17.12
N SER A 59 5.04 -22.82 18.14
CA SER A 59 3.83 -23.60 17.95
C SER A 59 2.64 -22.67 17.69
N ARG A 60 2.91 -21.54 17.07
CA ARG A 60 1.94 -20.45 16.93
C ARG A 60 0.99 -20.21 18.14
N LEU A 61 1.45 -20.54 19.36
CA LEU A 61 0.67 -20.34 20.61
C LEU A 61 1.17 -19.26 21.59
N PRO A 62 0.23 -18.55 22.27
CA PRO A 62 0.55 -17.62 23.35
C PRO A 62 1.07 -18.33 24.56
N HIS A 63 2.34 -18.14 24.90
CA HIS A 63 2.97 -18.93 25.97
C HIS A 63 2.38 -18.67 27.37
N ASP A 64 1.57 -17.61 27.50
CA ASP A 64 1.12 -17.16 28.82
C ASP A 64 -0.40 -17.12 29.01
N ARG A 65 -1.14 -17.57 28.00
CA ARG A 65 -2.59 -17.74 28.08
C ARG A 65 -2.97 -19.13 27.61
N MET A 66 -4.11 -19.63 28.07
CA MET A 66 -4.71 -20.79 27.44
C MET A 66 -5.50 -20.27 26.23
N THR A 67 -5.48 -21.03 25.11
CA THR A 67 -6.19 -20.64 23.88
C THR A 67 -7.67 -21.03 23.95
N SER A 68 -8.48 -20.60 22.98
CA SER A 68 -9.89 -21.02 22.94
C SER A 68 -10.07 -22.56 22.88
N GLN A 69 -9.26 -23.18 22.05
CA GLN A 69 -9.19 -24.63 21.93
C GLN A 69 -8.88 -25.33 23.25
N GLU A 70 -7.96 -24.76 24.00
CA GLU A 70 -7.52 -25.35 25.25
C GLU A 70 -8.65 -25.22 26.26
N ALA A 71 -9.26 -24.04 26.29
CA ALA A 71 -10.44 -23.80 27.12
C ALA A 71 -11.49 -24.88 26.90
N ALA A 72 -11.81 -25.11 25.63
CA ALA A 72 -12.69 -26.18 25.22
C ALA A 72 -12.32 -27.56 25.81
N CYS A 73 -11.08 -27.99 25.65
CA CYS A 73 -10.71 -29.29 26.22
C CYS A 73 -10.44 -29.31 27.75
N PHE A 74 -10.10 -28.18 28.35
CA PHE A 74 -9.78 -28.15 29.77
C PHE A 74 -10.55 -27.07 30.52
N PRO A 75 -11.88 -27.12 30.51
CA PRO A 75 -12.73 -26.10 31.10
C PRO A 75 -12.63 -26.13 32.59
N ASP A 76 -12.19 -27.25 33.14
CA ASP A 76 -11.95 -27.35 34.56
C ASP A 76 -10.80 -26.42 34.93
N ILE A 77 -9.80 -26.34 34.06
CA ILE A 77 -8.54 -25.70 34.40
C ILE A 77 -8.52 -24.19 34.26
N ILE A 78 -9.22 -23.73 33.23
CA ILE A 78 -9.25 -22.33 32.88
C ILE A 78 -10.31 -21.64 33.74
N SER A 79 -11.28 -22.37 34.29
CA SER A 79 -12.27 -21.73 35.14
C SER A 79 -11.84 -21.88 36.60
N GLY A 80 -10.65 -22.46 36.73
CA GLY A 80 -10.06 -22.73 38.03
C GLY A 80 -9.08 -21.64 38.34
N PRO A 81 -8.27 -21.88 39.39
CA PRO A 81 -7.20 -21.03 39.94
C PRO A 81 -6.01 -20.76 39.02
N GLN A 82 -5.60 -19.49 38.90
CA GLN A 82 -4.50 -19.11 38.01
C GLN A 82 -3.23 -19.95 38.21
N GLN A 83 -3.09 -20.51 39.40
CA GLN A 83 -1.95 -21.36 39.67
C GLN A 83 -1.91 -22.57 38.76
N THR A 84 -2.96 -23.39 38.84
CA THR A 84 -3.05 -24.59 38.01
C THR A 84 -2.99 -24.21 36.52
N GLN A 85 -3.52 -23.03 36.15
CA GLN A 85 -3.39 -22.57 34.77
C GLN A 85 -1.91 -22.45 34.41
N LYS A 86 -1.11 -21.92 35.35
CA LYS A 86 0.32 -21.78 35.08
C LYS A 86 1.00 -23.15 34.98
N VAL A 87 0.59 -24.08 35.83
CA VAL A 87 1.09 -25.45 35.75
C VAL A 87 0.79 -26.06 34.38
N PHE A 88 -0.49 -26.12 34.07
CA PHE A 88 -0.96 -26.51 32.77
C PHE A 88 -0.10 -25.93 31.68
N LEU A 89 0.06 -24.61 31.74
CA LEU A 89 0.71 -23.88 30.68
C LEU A 89 2.16 -24.28 30.54
N PHE A 90 2.80 -24.52 31.68
CA PHE A 90 4.17 -24.97 31.62
C PHE A 90 4.25 -26.38 31.04
N ILE A 91 3.31 -27.23 31.43
CA ILE A 91 3.32 -28.60 30.96
C ILE A 91 3.20 -28.60 29.46
N ARG A 92 2.28 -27.77 28.99
CA ARG A 92 2.07 -27.60 27.57
C ARG A 92 3.33 -27.14 26.84
N ASN A 93 3.89 -26.02 27.31
CA ASN A 93 5.04 -25.39 26.65
C ASN A 93 6.25 -26.28 26.67
N ARG A 94 6.39 -27.04 27.73
CA ARG A 94 7.53 -27.91 27.88
C ARG A 94 7.41 -29.12 26.97
N THR A 95 6.20 -29.68 26.88
CA THR A 95 6.03 -30.83 26.01
C THR A 95 6.26 -30.40 24.58
N LEU A 96 5.68 -29.25 24.25
CA LEU A 96 5.95 -28.61 22.98
C LEU A 96 7.44 -28.49 22.70
N GLN A 97 8.16 -28.02 23.72
CA GLN A 97 9.59 -27.80 23.59
C GLN A 97 10.29 -29.09 23.29
N LEU A 98 9.94 -30.12 24.03
CA LEU A 98 10.54 -31.43 23.84
C LEU A 98 10.33 -31.98 22.44
N TRP A 99 9.08 -31.92 21.97
CA TRP A 99 8.80 -32.34 20.60
C TRP A 99 9.65 -31.56 19.62
N LEU A 100 9.63 -30.26 19.78
CA LEU A 100 10.29 -29.36 18.85
C LEU A 100 11.80 -29.59 18.80
N ASP A 101 12.40 -29.90 19.95
CA ASP A 101 13.85 -30.02 20.02
C ASP A 101 14.31 -31.27 19.33
N ASN A 102 13.37 -32.17 19.06
CA ASN A 102 13.70 -33.34 18.28
C ASN A 102 12.48 -33.99 17.67
N PRO A 103 12.16 -33.59 16.43
CA PRO A 103 10.92 -33.93 15.73
C PRO A 103 11.11 -35.10 14.78
N LYS A 104 12.29 -35.70 14.80
CA LYS A 104 12.54 -36.85 13.95
C LYS A 104 12.07 -38.14 14.66
N ILE A 105 11.72 -38.05 15.95
CA ILE A 105 11.12 -39.20 16.65
C ILE A 105 9.88 -38.87 17.45
N GLN A 106 9.01 -39.88 17.53
CA GLN A 106 7.76 -39.80 18.23
C GLN A 106 8.01 -39.45 19.69
N LEU A 107 7.21 -38.53 20.22
CA LEU A 107 7.33 -38.14 21.61
C LEU A 107 6.27 -38.82 22.44
N THR A 108 6.65 -39.89 23.12
CA THR A 108 5.67 -40.65 23.87
C THR A 108 5.37 -39.97 25.17
N PHE A 109 4.21 -40.32 25.73
CA PHE A 109 3.81 -39.75 26.99
C PHE A 109 4.81 -40.13 28.10
N GLU A 110 5.28 -41.37 28.05
CA GLU A 110 6.25 -41.85 29.03
C GLU A 110 7.49 -40.98 28.98
N ALA A 111 8.03 -40.77 27.79
CA ALA A 111 9.22 -39.93 27.61
C ALA A 111 9.02 -38.50 28.15
N THR A 112 7.81 -38.01 27.92
CA THR A 112 7.44 -36.67 28.31
C THR A 112 7.49 -36.56 29.82
N LEU A 113 6.79 -37.46 30.49
CA LEU A 113 6.74 -37.43 31.94
C LEU A 113 8.12 -37.69 32.54
N GLN A 114 8.92 -38.50 31.85
CA GLN A 114 10.28 -38.79 32.30
C GLN A 114 11.06 -37.51 32.42
N GLN A 115 10.89 -36.61 31.46
CA GLN A 115 11.71 -35.40 31.50
C GLN A 115 11.00 -34.21 32.14
N LEU A 116 9.87 -34.46 32.77
CA LEU A 116 9.19 -33.43 33.54
C LEU A 116 9.72 -33.41 34.98
N GLU A 117 9.76 -32.20 35.52
CA GLU A 117 10.29 -31.92 36.85
C GLU A 117 9.15 -31.60 37.81
N ALA A 118 9.35 -31.85 39.11
CA ALA A 118 8.35 -31.48 40.10
C ALA A 118 8.32 -29.95 40.27
N PRO A 119 7.17 -29.38 40.67
CA PRO A 119 5.92 -30.02 41.08
C PRO A 119 5.05 -30.47 39.90
N TYR A 120 5.53 -30.23 38.70
CA TYR A 120 4.72 -30.36 37.49
C TYR A 120 4.43 -31.80 37.10
N ASN A 121 5.36 -32.68 37.46
CA ASN A 121 5.20 -34.10 37.21
C ASN A 121 4.58 -34.85 38.39
N SER A 122 3.75 -34.16 39.16
CA SER A 122 3.06 -34.80 40.27
C SER A 122 1.69 -35.24 39.78
N ASP A 123 0.96 -34.32 39.18
CA ASP A 123 -0.33 -34.64 38.62
C ASP A 123 -0.11 -35.28 37.26
N THR A 124 -0.08 -36.60 37.24
CA THR A 124 0.28 -37.31 36.02
C THR A 124 -0.88 -37.36 35.03
N VAL A 125 -2.09 -37.24 35.56
CA VAL A 125 -3.25 -37.17 34.69
C VAL A 125 -3.37 -35.83 33.94
N LEU A 126 -2.86 -34.76 34.56
CA LEU A 126 -2.79 -33.48 33.88
C LEU A 126 -1.82 -33.61 32.73
N VAL A 127 -0.65 -34.15 33.04
CA VAL A 127 0.34 -34.44 32.02
C VAL A 127 -0.23 -35.28 30.89
N HIS A 128 -0.91 -36.38 31.23
CA HIS A 128 -1.46 -37.24 30.18
C HIS A 128 -2.47 -36.50 29.32
N ARG A 129 -3.46 -35.85 29.95
CA ARG A 129 -4.44 -35.02 29.23
C ARG A 129 -3.79 -34.06 28.25
N VAL A 130 -2.81 -33.32 28.75
CA VAL A 130 -2.08 -32.35 27.97
C VAL A 130 -1.43 -33.03 26.77
N HIS A 131 -0.62 -34.06 27.04
CA HIS A 131 0.12 -34.74 25.97
C HIS A 131 -0.80 -35.25 24.89
N SER A 132 -1.93 -35.80 25.32
CA SER A 132 -2.92 -36.35 24.42
C SER A 132 -3.53 -35.26 23.56
N TYR A 133 -3.82 -34.12 24.16
CA TYR A 133 -4.38 -33.00 23.40
C TYR A 133 -3.38 -32.55 22.32
N LEU A 134 -2.12 -32.51 22.72
CA LEU A 134 -1.04 -32.12 21.84
C LEU A 134 -0.85 -33.08 20.69
N GLU A 135 -0.95 -34.37 20.97
CA GLU A 135 -0.74 -35.37 19.93
C GLU A 135 -1.90 -35.33 18.93
N ARG A 136 -3.08 -35.08 19.49
CA ARG A 136 -4.32 -35.14 18.75
C ARG A 136 -4.39 -34.01 17.76
N HIS A 137 -4.03 -32.83 18.23
CA HIS A 137 -4.25 -31.71 17.36
C HIS A 137 -3.02 -31.35 16.54
N GLY A 138 -1.99 -32.19 16.67
CA GLY A 138 -0.89 -32.18 15.73
C GLY A 138 0.03 -31.05 16.03
N LEU A 139 0.18 -30.81 17.32
CA LEU A 139 1.14 -29.84 17.82
C LEU A 139 2.42 -30.61 18.06
N ILE A 140 2.27 -31.91 18.27
CA ILE A 140 3.43 -32.79 18.39
C ILE A 140 3.13 -34.05 17.59
N ASN A 141 4.17 -34.87 17.37
CA ASN A 141 4.03 -36.12 16.65
C ASN A 141 3.16 -35.95 15.41
N PHE A 142 3.68 -35.13 14.50
CA PHE A 142 3.07 -34.83 13.22
C PHE A 142 4.22 -34.74 12.24
N GLY A 143 3.92 -34.89 10.95
CA GLY A 143 4.92 -34.98 9.89
C GLY A 143 5.47 -36.39 9.74
N ILE A 144 6.79 -36.50 9.68
CA ILE A 144 7.45 -37.77 9.47
C ILE A 144 8.40 -38.13 10.59
N TYR A 145 7.86 -38.83 11.57
CA TYR A 145 8.61 -39.22 12.74
C TYR A 145 8.80 -40.70 12.75
N LYS A 146 9.89 -41.15 13.36
CA LYS A 146 10.11 -42.57 13.58
C LYS A 146 9.17 -42.95 14.69
N ARG A 147 8.34 -43.95 14.43
CA ARG A 147 7.34 -44.34 15.39
C ARG A 147 8.00 -45.25 16.43
N ILE A 148 7.83 -44.93 17.71
CA ILE A 148 8.30 -45.83 18.75
C ILE A 148 7.36 -47.02 18.87
N LYS A 149 6.17 -46.73 19.39
CA LYS A 149 5.07 -47.68 19.48
C LYS A 149 4.56 -47.96 18.06
N PRO A 150 4.86 -49.14 17.48
CA PRO A 150 4.41 -49.43 16.11
C PRO A 150 2.88 -49.42 15.98
N LEU A 151 2.38 -49.04 14.80
CA LEU A 151 0.96 -48.74 14.57
C LEU A 151 -0.01 -49.77 15.12
N PRO A 152 -1.20 -49.30 15.54
CA PRO A 152 -2.28 -50.15 16.05
C PRO A 152 -2.59 -51.32 15.12
N THR A 153 -2.63 -52.51 15.71
CA THR A 153 -2.83 -53.77 14.99
C THR A 153 -4.08 -53.74 14.09
N LYS A 154 -5.24 -53.41 14.68
CA LYS A 154 -6.48 -53.27 13.92
C LYS A 154 -6.98 -51.85 13.90
N LYS A 155 -7.51 -51.44 12.75
CA LYS A 155 -7.98 -50.08 12.58
C LYS A 155 -9.43 -49.89 12.95
N THR A 156 -9.75 -48.70 13.43
CA THR A 156 -11.11 -48.32 13.76
C THR A 156 -11.61 -47.24 12.82
N GLY A 157 -12.81 -47.41 12.27
CA GLY A 157 -13.43 -46.42 11.39
C GLY A 157 -12.87 -46.27 9.97
N LYS A 158 -13.65 -45.71 9.05
CA LYS A 158 -13.12 -45.51 7.70
C LYS A 158 -13.29 -44.09 7.13
N VAL A 159 -12.16 -43.53 6.70
CA VAL A 159 -12.10 -42.20 6.15
C VAL A 159 -11.53 -42.22 4.74
N ILE A 160 -12.31 -41.59 3.86
CA ILE A 160 -11.96 -41.38 2.47
C ILE A 160 -11.64 -39.92 2.32
N ILE A 161 -10.44 -39.63 1.79
CA ILE A 161 -9.88 -38.29 1.61
C ILE A 161 -9.76 -37.90 0.14
N ILE A 162 -10.51 -36.90 -0.30
CA ILE A 162 -10.44 -36.46 -1.69
C ILE A 162 -9.28 -35.47 -1.95
N GLY A 163 -8.37 -35.84 -2.84
CA GLY A 163 -7.23 -35.02 -3.17
C GLY A 163 -6.06 -35.42 -2.29
N SER A 164 -4.87 -35.62 -2.88
CA SER A 164 -3.65 -35.78 -2.05
C SER A 164 -2.76 -34.51 -2.25
N GLY A 165 -3.41 -33.35 -2.24
CA GLY A 165 -2.68 -32.14 -1.97
C GLY A 165 -1.96 -32.24 -0.64
N VAL A 166 -1.28 -31.16 -0.28
CA VAL A 166 -0.55 -31.18 0.99
C VAL A 166 -1.50 -31.33 2.20
N SER A 167 -2.68 -30.70 2.12
CA SER A 167 -3.62 -30.80 3.22
C SER A 167 -4.14 -32.24 3.34
N GLY A 168 -4.55 -32.80 2.20
CA GLY A 168 -4.88 -34.21 2.10
C GLY A 168 -3.83 -35.11 2.74
N LEU A 169 -2.62 -35.01 2.25
CA LEU A 169 -1.59 -35.89 2.74
C LEU A 169 -1.43 -35.78 4.23
N ALA A 170 -1.55 -34.55 4.71
CA ALA A 170 -1.34 -34.30 6.13
C ALA A 170 -2.37 -35.03 6.99
N ALA A 171 -3.64 -34.72 6.72
CA ALA A 171 -4.72 -35.34 7.47
C ALA A 171 -4.60 -36.88 7.40
N ALA A 172 -4.46 -37.39 6.18
CA ALA A 172 -4.28 -38.82 5.97
C ALA A 172 -3.22 -39.40 6.90
N ARG A 173 -2.04 -38.80 6.89
CA ARG A 173 -0.97 -39.27 7.75
C ARG A 173 -1.37 -39.26 9.22
N GLN A 174 -2.09 -38.21 9.63
CA GLN A 174 -2.44 -38.07 11.05
C GLN A 174 -3.45 -39.11 11.47
N LEU A 175 -4.51 -39.23 10.67
CA LEU A 175 -5.59 -40.20 10.82
C LEU A 175 -5.05 -41.62 10.88
N GLN A 176 -4.25 -41.97 9.89
CA GLN A 176 -3.54 -43.22 9.95
C GLN A 176 -2.78 -43.34 11.26
N SER A 177 -1.91 -42.36 11.55
CA SER A 177 -1.19 -42.23 12.83
C SER A 177 -2.08 -42.55 14.04
N PHE A 178 -3.38 -42.27 13.93
CA PHE A 178 -4.33 -42.47 15.02
C PHE A 178 -5.00 -43.81 14.98
N GLY A 179 -4.66 -44.62 13.98
CA GLY A 179 -5.23 -45.95 13.82
C GLY A 179 -6.60 -45.98 13.13
N MET A 180 -6.70 -45.36 11.98
CA MET A 180 -7.94 -45.33 11.23
C MET A 180 -7.65 -45.83 9.82
N ASP A 181 -8.67 -46.38 9.17
CA ASP A 181 -8.47 -46.80 7.80
C ASP A 181 -8.67 -45.56 6.92
N VAL A 182 -7.57 -45.12 6.30
CA VAL A 182 -7.59 -43.92 5.51
C VAL A 182 -7.20 -44.31 4.11
N THR A 183 -8.00 -43.87 3.14
CA THR A 183 -7.61 -43.98 1.74
C THR A 183 -7.82 -42.62 1.06
N LEU A 184 -6.87 -42.23 0.21
CA LEU A 184 -7.04 -41.00 -0.56
C LEU A 184 -7.26 -41.22 -2.05
N LEU A 185 -8.21 -40.48 -2.61
CA LEU A 185 -8.46 -40.49 -4.04
C LEU A 185 -7.92 -39.25 -4.69
N GLU A 186 -7.05 -39.44 -5.68
CA GLU A 186 -6.39 -38.34 -6.35
C GLU A 186 -6.60 -38.40 -7.84
N ALA A 187 -7.16 -37.33 -8.40
CA ALA A 187 -7.40 -37.27 -9.84
C ALA A 187 -6.10 -37.32 -10.66
N ARG A 188 -5.03 -36.71 -10.17
CA ARG A 188 -3.79 -36.68 -10.95
C ARG A 188 -3.04 -38.02 -10.89
N ASP A 189 -1.96 -38.08 -11.68
CA ASP A 189 -0.99 -39.16 -11.65
C ASP A 189 0.20 -38.87 -10.74
N ARG A 190 0.04 -37.87 -9.88
CA ARG A 190 1.07 -37.52 -8.91
C ARG A 190 0.44 -36.97 -7.65
N VAL A 191 1.25 -36.98 -6.59
CA VAL A 191 0.88 -36.29 -5.37
C VAL A 191 1.04 -34.72 -5.43
N GLY A 192 0.83 -34.00 -4.33
CA GLY A 192 1.23 -32.60 -4.22
C GLY A 192 0.23 -31.53 -4.57
N GLY A 193 -0.64 -31.82 -5.53
CA GLY A 193 -1.62 -30.85 -5.95
C GLY A 193 -0.89 -29.62 -6.44
N ARG A 194 -1.18 -28.48 -5.82
CA ARG A 194 -0.54 -27.22 -6.21
C ARG A 194 0.91 -27.05 -5.73
N VAL A 195 1.52 -28.13 -5.29
CA VAL A 195 2.98 -28.26 -5.16
C VAL A 195 3.48 -29.13 -6.30
N ALA A 196 4.05 -28.48 -7.29
CA ALA A 196 4.29 -29.07 -8.59
C ALA A 196 5.71 -28.78 -9.08
N THR A 197 6.59 -29.78 -9.02
CA THR A 197 7.99 -29.57 -9.33
C THR A 197 8.46 -30.18 -10.66
N PHE A 198 8.94 -29.34 -11.58
CA PHE A 198 9.52 -29.77 -12.85
C PHE A 198 10.92 -30.35 -12.69
N ARG A 199 11.18 -31.49 -13.35
CA ARG A 199 12.50 -32.10 -13.44
C ARG A 199 12.81 -32.66 -14.82
N LYS A 200 13.98 -32.33 -15.34
CA LYS A 200 14.53 -33.00 -16.52
C LYS A 200 16.04 -32.87 -16.41
N GLY A 201 16.72 -34.01 -16.36
CA GLY A 201 18.14 -34.05 -16.10
C GLY A 201 18.51 -33.47 -14.74
N ASN A 202 19.23 -32.34 -14.75
CA ASN A 202 19.60 -31.66 -13.52
C ASN A 202 18.80 -30.38 -13.35
N TYR A 203 18.01 -30.06 -14.38
CA TYR A 203 17.11 -28.94 -14.31
C TYR A 203 15.95 -29.29 -13.37
N VAL A 204 15.72 -28.43 -12.38
CA VAL A 204 14.68 -28.60 -11.35
C VAL A 204 13.98 -27.27 -11.01
N ALA A 205 12.68 -27.19 -11.19
CA ALA A 205 11.99 -25.90 -11.04
C ALA A 205 10.50 -26.01 -10.65
N ASP A 206 10.11 -25.45 -9.51
CA ASP A 206 8.72 -25.45 -9.11
C ASP A 206 7.84 -24.55 -9.96
N LEU A 207 6.68 -25.08 -10.34
CA LEU A 207 5.66 -24.27 -10.98
C LEU A 207 4.55 -24.03 -10.01
N GLY A 208 4.70 -24.60 -8.82
CA GLY A 208 3.73 -24.48 -7.77
C GLY A 208 4.28 -23.67 -6.64
N ALA A 209 4.11 -24.15 -5.43
CA ALA A 209 4.71 -23.48 -4.30
C ALA A 209 6.20 -23.36 -4.52
N MET A 210 6.78 -22.25 -4.11
CA MET A 210 8.23 -22.05 -4.30
C MET A 210 8.87 -21.60 -3.00
N VAL A 211 8.11 -20.85 -2.20
CA VAL A 211 8.69 -20.19 -1.04
C VAL A 211 8.16 -20.64 0.32
N VAL A 212 9.10 -20.87 1.23
CA VAL A 212 8.79 -20.85 2.65
C VAL A 212 8.77 -19.39 3.11
N THR A 213 7.61 -18.87 3.50
CA THR A 213 7.49 -17.48 3.90
C THR A 213 7.88 -17.24 5.36
N GLY A 214 9.08 -17.70 5.73
CA GLY A 214 9.68 -17.39 7.01
C GLY A 214 9.54 -18.49 8.02
N LEU A 215 10.56 -18.76 8.85
CA LEU A 215 10.47 -19.93 9.78
C LEU A 215 9.96 -19.66 11.22
N GLY A 216 9.68 -18.40 11.54
CA GLY A 216 9.26 -18.04 12.88
C GLY A 216 7.81 -18.38 13.12
N GLY A 217 7.58 -19.57 13.68
CA GLY A 217 6.23 -20.03 13.89
C GLY A 217 5.72 -20.85 12.71
N ASN A 218 6.63 -21.24 11.82
CA ASN A 218 6.28 -22.07 10.67
C ASN A 218 6.42 -23.57 10.98
N PRO A 219 5.34 -24.33 10.70
CA PRO A 219 5.37 -25.79 10.77
C PRO A 219 6.34 -26.41 9.76
N MET A 220 6.58 -25.68 8.68
CA MET A 220 7.46 -26.19 7.65
C MET A 220 8.84 -26.36 8.23
N ALA A 221 9.14 -25.60 9.28
CA ALA A 221 10.36 -25.76 10.05
C ALA A 221 10.54 -27.19 10.53
N VAL A 222 9.54 -27.65 11.27
CA VAL A 222 9.54 -29.03 11.73
C VAL A 222 9.71 -29.98 10.55
N VAL A 223 8.98 -29.71 9.48
CA VAL A 223 9.11 -30.56 8.29
C VAL A 223 10.54 -30.62 7.74
N SER A 224 11.19 -29.49 7.64
CA SER A 224 12.50 -29.41 7.01
C SER A 224 13.53 -30.05 7.88
N LYS A 225 13.23 -30.19 9.17
CA LYS A 225 14.13 -31.00 9.97
C LYS A 225 13.87 -32.47 9.65
N GLN A 226 12.61 -32.80 9.37
CA GLN A 226 12.25 -34.20 9.03
C GLN A 226 12.55 -34.63 7.60
N VAL A 227 12.63 -33.69 6.68
CA VAL A 227 12.87 -33.99 5.30
C VAL A 227 14.09 -33.26 4.84
N ASN A 228 14.76 -33.84 3.86
CA ASN A 228 15.94 -33.18 3.41
C ASN A 228 15.60 -32.11 2.41
N MET A 229 15.38 -30.90 2.92
CA MET A 229 15.09 -29.79 2.02
C MET A 229 16.25 -28.81 1.99
N GLU A 230 16.74 -28.57 0.79
CA GLU A 230 17.80 -27.63 0.60
C GLU A 230 17.13 -26.28 0.56
N LEU A 231 17.06 -25.65 1.73
CA LEU A 231 16.48 -24.31 1.89
C LEU A 231 17.54 -23.23 1.56
N ALA A 232 17.11 -22.17 0.86
CA ALA A 232 18.04 -21.13 0.41
C ALA A 232 17.44 -19.72 0.52
N LYS A 233 18.13 -18.80 1.20
CA LYS A 233 17.59 -17.44 1.42
C LYS A 233 17.35 -16.65 0.12
N ILE A 234 16.46 -15.68 0.17
CA ILE A 234 16.25 -14.94 -1.03
C ILE A 234 16.75 -13.53 -0.83
N LYS A 235 17.68 -13.13 -1.69
CA LYS A 235 18.25 -11.80 -1.66
C LYS A 235 17.28 -10.79 -2.27
N GLN A 236 16.59 -10.10 -1.38
CA GLN A 236 15.44 -9.27 -1.72
C GLN A 236 15.77 -7.98 -2.50
N LYS A 237 16.97 -7.93 -3.07
CA LYS A 237 17.37 -6.80 -3.89
C LYS A 237 16.92 -6.99 -5.33
N CYS A 238 16.17 -6.04 -5.86
CA CYS A 238 15.64 -6.27 -7.19
C CYS A 238 15.73 -5.08 -8.11
N PRO A 239 16.67 -5.15 -9.06
CA PRO A 239 16.82 -4.08 -10.06
C PRO A 239 15.67 -4.06 -11.05
N LEU A 240 15.32 -2.89 -11.57
CA LEU A 240 14.21 -2.78 -12.53
C LEU A 240 14.68 -2.26 -13.86
N TYR A 241 14.21 -2.87 -14.94
CA TYR A 241 14.64 -2.40 -16.24
C TYR A 241 13.41 -1.92 -16.96
N GLU A 242 13.52 -0.71 -17.48
CA GLU A 242 12.46 -0.05 -18.22
C GLU A 242 12.32 -0.86 -19.49
N ALA A 243 11.12 -0.89 -20.06
CA ALA A 243 10.87 -1.65 -21.27
C ALA A 243 12.01 -1.64 -22.32
N ASN A 244 12.82 -0.58 -22.37
CA ASN A 244 13.92 -0.47 -23.33
C ASN A 244 15.09 -1.44 -23.06
N GLY A 245 15.39 -1.66 -21.80
CA GLY A 245 16.52 -2.49 -21.37
C GLY A 245 17.53 -1.75 -20.52
N GLN A 246 17.18 -0.53 -20.13
CA GLN A 246 18.00 0.32 -19.27
C GLN A 246 17.54 0.23 -17.81
N ALA A 247 18.47 -0.03 -16.90
CA ALA A 247 18.11 -0.06 -15.48
C ALA A 247 17.51 1.25 -15.00
N VAL A 248 16.48 1.17 -14.15
CA VAL A 248 15.91 2.36 -13.57
C VAL A 248 16.91 2.92 -12.57
N PRO A 249 17.27 4.20 -12.75
CA PRO A 249 18.20 4.93 -11.88
C PRO A 249 17.82 4.87 -10.40
N LYS A 250 18.76 4.50 -9.53
CA LYS A 250 18.49 4.41 -8.08
C LYS A 250 17.57 5.51 -7.53
N GLU A 251 17.86 6.77 -7.85
CA GLU A 251 16.95 7.88 -7.56
C GLU A 251 15.49 7.55 -7.80
N LYS A 252 15.20 7.13 -9.04
CA LYS A 252 13.84 6.80 -9.45
C LYS A 252 13.31 5.59 -8.69
N ASP A 253 14.03 4.46 -8.77
CA ASP A 253 13.67 3.22 -8.07
C ASP A 253 13.14 3.56 -6.69
N GLU A 254 13.87 4.42 -5.98
CA GLU A 254 13.50 4.83 -4.63
C GLU A 254 12.33 5.83 -4.52
N MET A 255 12.28 6.86 -5.36
CA MET A 255 11.19 7.84 -5.22
C MET A 255 9.90 7.14 -5.47
N VAL A 256 9.93 6.25 -6.45
CA VAL A 256 8.74 5.50 -6.84
C VAL A 256 8.33 4.48 -5.82
N GLU A 257 9.25 3.59 -5.45
CA GLU A 257 8.99 2.58 -4.39
C GLU A 257 8.35 3.23 -3.16
N GLN A 258 8.99 4.30 -2.68
CA GLN A 258 8.47 5.04 -1.54
C GLN A 258 7.06 5.57 -1.78
N GLU A 259 6.81 6.11 -2.98
CA GLU A 259 5.48 6.68 -3.25
C GLU A 259 4.41 5.59 -3.25
N PHE A 260 4.80 4.45 -3.79
CA PHE A 260 3.99 3.25 -3.77
C PHE A 260 3.55 3.02 -2.34
N ASN A 261 4.55 2.83 -1.48
CA ASN A 261 4.24 2.48 -0.09
C ASN A 261 3.35 3.52 0.59
N ARG A 262 3.53 4.77 0.23
CA ARG A 262 2.68 5.79 0.81
C ARG A 262 1.25 5.67 0.33
N LEU A 263 1.07 5.36 -0.95
CA LEU A 263 -0.27 5.13 -1.48
C LEU A 263 -1.00 3.99 -0.80
N LEU A 264 -0.28 2.90 -0.56
CA LEU A 264 -0.85 1.80 0.18
C LEU A 264 -1.31 2.21 1.58
N GLU A 265 -0.40 2.79 2.36
CA GLU A 265 -0.75 3.31 3.68
C GLU A 265 -1.99 4.19 3.60
N ALA A 266 -1.99 5.10 2.64
CA ALA A 266 -3.14 5.94 2.34
C ALA A 266 -4.46 5.17 2.28
N THR A 267 -4.49 4.14 1.45
CA THR A 267 -5.70 3.34 1.29
C THR A 267 -6.11 2.71 2.59
N SER A 268 -5.13 2.19 3.32
CA SER A 268 -5.39 1.60 4.63
C SER A 268 -6.07 2.60 5.55
N TYR A 269 -5.56 3.82 5.53
CA TYR A 269 -6.17 4.91 6.27
C TYR A 269 -7.61 5.19 5.82
N LEU A 270 -7.84 5.38 4.52
CA LEU A 270 -9.22 5.44 4.00
C LEU A 270 -10.11 4.32 4.50
N SER A 271 -9.55 3.13 4.52
CA SER A 271 -10.28 1.98 4.95
C SER A 271 -10.65 2.17 6.42
N HIS A 272 -9.62 2.10 7.29
CA HIS A 272 -9.81 1.83 8.72
C HIS A 272 -10.12 3.08 9.55
N GLN A 273 -9.59 4.25 9.20
CA GLN A 273 -9.90 5.47 9.96
C GLN A 273 -11.13 6.19 9.39
N LEU A 274 -11.50 5.85 8.16
CA LEU A 274 -12.56 6.58 7.43
C LEU A 274 -13.80 5.74 6.99
N ASP A 275 -13.79 4.44 7.28
CA ASP A 275 -14.87 3.53 6.88
C ASP A 275 -15.35 3.71 5.43
N PHE A 276 -14.38 3.78 4.51
CA PHE A 276 -14.61 3.96 3.08
C PHE A 276 -14.80 2.58 2.40
N ASN A 277 -15.03 1.56 3.20
CA ASN A 277 -15.21 0.21 2.72
C ASN A 277 -16.37 0.00 1.72
N VAL A 278 -17.52 0.65 1.91
CA VAL A 278 -18.64 0.52 0.96
C VAL A 278 -18.91 1.82 0.18
N LEU A 279 -18.93 1.80 -1.15
CA LEU A 279 -19.16 3.06 -1.88
C LEU A 279 -20.56 3.32 -2.46
N ASN A 280 -21.09 2.40 -3.26
CA ASN A 280 -22.41 2.62 -3.84
C ASN A 280 -23.18 1.37 -3.83
N ASN A 281 -23.36 0.87 -2.61
CA ASN A 281 -24.10 -0.35 -2.34
C ASN A 281 -23.24 -1.56 -2.76
N LYS A 282 -22.00 -1.27 -3.17
CA LYS A 282 -20.99 -2.22 -3.65
C LYS A 282 -19.68 -2.07 -2.85
N PRO A 283 -19.08 -3.18 -2.39
CA PRO A 283 -17.84 -3.01 -1.60
C PRO A 283 -16.65 -2.50 -2.39
N VAL A 284 -15.92 -1.60 -1.76
CA VAL A 284 -14.71 -1.07 -2.36
C VAL A 284 -13.59 -2.07 -2.41
N SER A 285 -12.82 -1.99 -3.48
CA SER A 285 -11.65 -2.84 -3.64
C SER A 285 -10.38 -2.06 -3.39
N LEU A 286 -9.32 -2.79 -3.04
CA LEU A 286 -8.02 -2.16 -2.89
C LEU A 286 -7.64 -1.31 -4.11
N GLY A 287 -7.94 -1.82 -5.30
CA GLY A 287 -7.59 -1.18 -6.55
C GLY A 287 -8.29 0.14 -6.78
N GLN A 288 -9.58 0.17 -6.46
CA GLN A 288 -10.36 1.40 -6.59
C GLN A 288 -9.80 2.45 -5.67
N ALA A 289 -9.63 2.04 -4.42
CA ALA A 289 -9.11 2.90 -3.37
C ALA A 289 -7.84 3.54 -3.85
N LEU A 290 -6.91 2.70 -4.32
CA LEU A 290 -5.68 3.18 -4.90
C LEU A 290 -5.89 4.21 -5.99
N GLU A 291 -6.81 3.95 -6.90
CA GLU A 291 -6.98 4.93 -7.95
C GLU A 291 -7.52 6.25 -7.40
N VAL A 292 -8.45 6.21 -6.45
CA VAL A 292 -8.96 7.42 -5.81
C VAL A 292 -7.87 8.22 -5.09
N VAL A 293 -7.06 7.54 -4.30
CA VAL A 293 -5.93 8.14 -3.63
C VAL A 293 -5.08 8.86 -4.66
N ILE A 294 -4.80 8.18 -5.77
CA ILE A 294 -3.97 8.79 -6.81
C ILE A 294 -4.60 10.02 -7.44
N GLN A 295 -5.87 9.91 -7.80
CA GLN A 295 -6.56 11.05 -8.36
C GLN A 295 -6.48 12.23 -7.41
N LEU A 296 -6.62 11.99 -6.11
CA LEU A 296 -6.48 13.11 -5.17
C LEU A 296 -5.08 13.69 -5.16
N GLN A 297 -4.06 12.85 -5.29
CA GLN A 297 -2.71 13.41 -5.38
C GLN A 297 -2.59 14.34 -6.59
N GLU A 298 -3.12 13.93 -7.74
CA GLU A 298 -3.04 14.80 -8.91
C GLU A 298 -3.85 16.09 -8.75
N LYS A 299 -5.03 15.94 -8.17
CA LYS A 299 -5.84 17.09 -7.81
C LYS A 299 -5.08 18.07 -6.93
N HIS A 300 -4.47 17.57 -5.86
CA HIS A 300 -3.70 18.39 -4.97
C HIS A 300 -2.57 19.12 -5.71
N VAL A 301 -1.89 18.44 -6.64
CA VAL A 301 -0.83 19.11 -7.42
C VAL A 301 -1.34 20.31 -8.26
N LYS A 302 -2.44 20.10 -8.98
CA LYS A 302 -3.03 21.19 -9.74
C LYS A 302 -3.47 22.32 -8.81
N ASP A 303 -4.01 21.96 -7.66
CA ASP A 303 -4.37 22.96 -6.67
C ASP A 303 -3.17 23.82 -6.26
N GLU A 304 -2.02 23.18 -6.01
CA GLU A 304 -0.81 23.90 -5.62
C GLU A 304 -0.38 24.87 -6.69
N GLN A 305 -0.44 24.40 -7.93
CA GLN A 305 -0.04 25.28 -9.01
C GLN A 305 -0.96 26.49 -9.11
N ILE A 306 -2.25 26.24 -8.97
CA ILE A 306 -3.21 27.33 -9.04
C ILE A 306 -2.98 28.36 -7.92
N GLU A 307 -2.69 27.91 -6.70
CA GLU A 307 -2.45 28.86 -5.60
C GLU A 307 -1.20 29.68 -5.84
N HIS A 308 -0.16 29.03 -6.35
CA HIS A 308 1.09 29.71 -6.64
C HIS A 308 0.95 30.78 -7.71
N TRP A 309 0.46 30.40 -8.89
CA TRP A 309 0.28 31.40 -9.94
C TRP A 309 -0.69 32.52 -9.50
N LYS A 310 -1.69 32.23 -8.67
CA LYS A 310 -2.51 33.33 -8.15
C LYS A 310 -1.74 34.26 -7.21
N LYS A 311 -0.77 33.75 -6.44
CA LYS A 311 0.07 34.67 -5.65
C LYS A 311 0.83 35.55 -6.62
N ILE A 312 1.34 34.94 -7.70
CA ILE A 312 2.01 35.76 -8.70
C ILE A 312 1.10 36.85 -9.29
N VAL A 313 -0.15 36.55 -9.67
CA VAL A 313 -0.97 37.66 -10.17
C VAL A 313 -1.32 38.69 -9.12
N LYS A 314 -1.56 38.25 -7.88
CA LYS A 314 -1.85 39.23 -6.83
C LYS A 314 -0.72 40.26 -6.75
N THR A 315 0.51 39.75 -6.66
CA THR A 315 1.67 40.61 -6.57
C THR A 315 1.88 41.43 -7.86
N GLN A 316 1.82 40.77 -9.00
CA GLN A 316 1.95 41.45 -10.30
C GLN A 316 0.98 42.64 -10.42
N GLU A 317 -0.25 42.45 -9.95
CA GLU A 317 -1.25 43.52 -9.94
C GLU A 317 -0.97 44.64 -8.94
N GLU A 318 -0.42 44.29 -7.77
CA GLU A 318 0.11 45.30 -6.87
C GLU A 318 1.11 46.22 -7.60
N LEU A 319 2.10 45.57 -8.22
CA LEU A 319 3.09 46.25 -9.02
C LEU A 319 2.43 47.16 -10.04
N LYS A 320 1.38 46.65 -10.69
CA LYS A 320 0.62 47.46 -11.64
C LYS A 320 0.10 48.75 -11.00
N GLU A 321 -0.55 48.65 -9.85
CA GLU A 321 -1.08 49.87 -9.23
C GLU A 321 0.02 50.83 -8.80
N LEU A 322 1.10 50.27 -8.27
CA LEU A 322 2.24 51.08 -7.90
C LEU A 322 2.82 51.82 -9.09
N LEU A 323 3.03 51.09 -10.18
CA LEU A 323 3.53 51.68 -11.40
C LEU A 323 2.62 52.81 -11.87
N ASN A 324 1.31 52.60 -11.89
CA ASN A 324 0.39 53.69 -12.23
C ASN A 324 0.62 54.94 -11.38
N LYS A 325 0.61 54.70 -10.08
CA LYS A 325 0.85 55.73 -9.09
C LYS A 325 2.14 56.52 -9.42
N MET A 326 3.22 55.79 -9.70
CA MET A 326 4.50 56.40 -10.01
C MET A 326 4.45 57.23 -11.31
N VAL A 327 3.78 56.73 -12.35
CA VAL A 327 3.71 57.52 -13.58
C VAL A 327 2.97 58.81 -13.42
N ASN A 328 1.84 58.77 -12.74
CA ASN A 328 1.08 60.00 -12.55
C ASN A 328 1.88 60.96 -11.71
N LEU A 329 2.58 60.41 -10.72
CA LEU A 329 3.39 61.25 -9.87
C LEU A 329 4.51 61.91 -10.67
N LYS A 330 5.14 61.16 -11.58
CA LYS A 330 6.21 61.70 -12.40
C LYS A 330 5.68 62.82 -13.27
N GLU A 331 4.49 62.65 -13.81
CA GLU A 331 3.90 63.68 -14.65
C GLU A 331 3.69 64.95 -13.83
N LYS A 332 3.23 64.80 -12.59
CA LYS A 332 3.01 65.97 -11.73
C LYS A 332 4.34 66.66 -11.47
N ILE A 333 5.38 65.86 -11.25
CA ILE A 333 6.70 66.37 -11.02
C ILE A 333 7.27 67.12 -12.24
N LYS A 334 7.07 66.59 -13.45
CA LYS A 334 7.40 67.34 -14.66
C LYS A 334 6.72 68.71 -14.65
N GLU A 335 5.40 68.71 -14.44
CA GLU A 335 4.65 69.96 -14.48
C GLU A 335 5.04 70.99 -13.44
N LEU A 336 5.18 70.50 -12.23
CA LEU A 336 5.53 71.31 -11.10
C LEU A 336 6.93 71.88 -11.37
N HIS A 337 7.86 71.05 -11.85
CA HIS A 337 9.24 71.51 -12.10
C HIS A 337 9.25 72.64 -13.08
N GLN A 338 8.50 72.46 -14.16
CA GLN A 338 8.32 73.53 -15.11
C GLN A 338 7.90 74.79 -14.38
N GLN A 339 6.87 74.70 -13.55
CA GLN A 339 6.39 75.87 -12.82
C GLN A 339 7.47 76.54 -11.92
N TYR A 340 8.21 75.74 -11.18
CA TYR A 340 9.30 76.27 -10.38
C TYR A 340 10.36 76.98 -11.21
N LYS A 341 10.75 76.39 -12.34
CA LYS A 341 11.68 77.09 -13.25
C LYS A 341 11.10 78.44 -13.65
N GLU A 342 9.84 78.46 -14.10
CA GLU A 342 9.20 79.72 -14.46
C GLU A 342 9.15 80.73 -13.31
N ALA A 343 9.26 80.25 -12.08
CA ALA A 343 9.20 81.19 -10.98
C ALA A 343 10.59 81.74 -10.65
N SER A 344 11.62 80.93 -10.82
CA SER A 344 12.99 81.43 -10.67
C SER A 344 13.37 82.31 -11.86
N GLU A 345 12.63 82.16 -12.95
CA GLU A 345 12.77 83.00 -14.14
C GLU A 345 12.68 84.47 -13.77
N VAL A 346 11.64 84.83 -13.02
CA VAL A 346 11.45 86.22 -12.59
C VAL A 346 12.63 86.70 -11.77
N LYS A 347 13.37 87.65 -12.35
CA LYS A 347 14.55 88.10 -11.67
C LYS A 347 14.19 89.12 -10.60
N PRO A 348 14.90 89.06 -9.48
CA PRO A 348 14.90 90.03 -8.41
C PRO A 348 15.21 91.38 -8.99
N PRO A 349 14.83 92.45 -8.28
CA PRO A 349 14.15 92.34 -6.98
C PRO A 349 12.66 92.05 -7.12
N ARG A 350 12.16 91.08 -6.37
CA ARG A 350 10.73 90.75 -6.44
C ARG A 350 9.99 90.85 -5.11
N ASP A 351 8.69 91.18 -5.15
CA ASP A 351 7.90 91.32 -3.94
C ASP A 351 7.63 89.93 -3.32
N ILE A 352 7.04 89.92 -2.13
CA ILE A 352 7.13 88.77 -1.26
C ILE A 352 6.22 87.62 -1.68
N THR A 353 5.16 87.94 -2.42
CA THR A 353 4.29 86.91 -2.93
C THR A 353 5.05 86.07 -3.96
N ALA A 354 5.83 86.78 -4.78
CA ALA A 354 6.74 86.16 -5.76
C ALA A 354 7.80 85.24 -5.13
N GLU A 355 8.41 85.74 -4.07
CA GLU A 355 9.39 85.00 -3.32
C GLU A 355 8.73 83.75 -2.71
N PHE A 356 7.53 83.95 -2.18
CA PHE A 356 6.76 82.87 -1.58
C PHE A 356 6.44 81.84 -2.61
N LEU A 357 6.23 82.31 -3.82
CA LEU A 357 5.91 81.40 -4.89
C LEU A 357 7.07 80.43 -5.17
N VAL A 358 8.24 80.98 -5.44
CA VAL A 358 9.41 80.10 -5.59
C VAL A 358 9.56 79.14 -4.39
N LYS A 359 9.61 79.68 -3.18
CA LYS A 359 9.82 78.84 -2.00
C LYS A 359 8.80 77.71 -1.93
N SER A 360 7.52 78.06 -2.08
CA SER A 360 6.44 77.08 -1.99
C SER A 360 6.51 76.01 -3.06
N LYS A 361 6.78 76.39 -4.31
CA LYS A 361 6.87 75.42 -5.40
C LYS A 361 8.03 74.50 -5.10
N HIS A 362 9.11 75.07 -4.58
CA HIS A 362 10.30 74.28 -4.24
C HIS A 362 10.02 73.24 -3.18
N ARG A 363 9.26 73.66 -2.18
CA ARG A 363 8.91 72.80 -1.08
C ARG A 363 8.05 71.64 -1.63
N ASP A 364 7.11 72.00 -2.51
CA ASP A 364 6.23 71.01 -3.11
C ASP A 364 6.95 70.00 -3.98
N LEU A 365 7.89 70.48 -4.79
CA LEU A 365 8.63 69.57 -5.64
C LEU A 365 9.51 68.63 -4.83
N THR A 366 10.17 69.15 -3.79
CA THR A 366 11.03 68.30 -2.98
C THR A 366 10.12 67.26 -2.37
N ALA A 367 8.94 67.68 -1.93
CA ALA A 367 7.93 66.78 -1.38
C ALA A 367 7.58 65.60 -2.34
N LEU A 368 7.00 65.95 -3.50
CA LEU A 368 6.60 64.93 -4.49
C LEU A 368 7.75 64.04 -4.86
N CYS A 369 8.94 64.60 -4.96
CA CYS A 369 10.12 63.82 -5.28
C CYS A 369 10.41 62.78 -4.21
N LYS A 370 10.38 63.22 -2.97
CA LYS A 370 10.55 62.32 -1.84
C LYS A 370 9.59 61.12 -1.98
N GLU A 371 8.31 61.45 -2.11
CA GLU A 371 7.26 60.45 -2.27
C GLU A 371 7.52 59.44 -3.41
N TYR A 372 7.88 59.95 -4.59
CA TYR A 372 8.23 59.10 -5.72
C TYR A 372 9.35 58.15 -5.36
N ASP A 373 10.39 58.65 -4.72
CA ASP A 373 11.52 57.81 -4.30
C ASP A 373 11.11 56.65 -3.36
N GLU A 374 10.22 56.93 -2.42
CA GLU A 374 9.68 55.86 -1.57
C GLU A 374 8.95 54.82 -2.39
N LEU A 375 8.06 55.30 -3.27
CA LEU A 375 7.37 54.39 -4.16
C LEU A 375 8.35 53.52 -4.93
N ALA A 376 9.44 54.11 -5.40
CA ALA A 376 10.42 53.34 -6.17
C ALA A 376 11.12 52.28 -5.33
N GLU A 377 11.35 52.59 -4.06
CA GLU A 377 11.80 51.56 -3.12
C GLU A 377 10.82 50.37 -3.08
N THR A 378 9.55 50.69 -2.83
CA THR A 378 8.51 49.67 -2.85
C THR A 378 8.51 48.83 -4.14
N GLN A 379 8.66 49.49 -5.28
CA GLN A 379 8.74 48.81 -6.58
C GLN A 379 9.89 47.80 -6.62
N GLY A 380 11.04 48.20 -6.08
CA GLY A 380 12.15 47.27 -5.97
C GLY A 380 11.77 46.01 -5.21
N LYS A 381 11.18 46.20 -4.03
CA LYS A 381 10.77 45.06 -3.18
C LYS A 381 9.76 44.12 -3.86
N LEU A 382 8.74 44.69 -4.49
CA LEU A 382 7.76 43.89 -5.21
C LEU A 382 8.42 43.11 -6.34
N GLU A 383 9.27 43.76 -7.12
CA GLU A 383 9.92 43.09 -8.26
C GLU A 383 10.76 41.90 -7.81
N GLU A 384 11.44 42.04 -6.68
CA GLU A 384 12.24 40.91 -6.22
C GLU A 384 11.38 39.81 -5.59
N LYS A 385 10.29 40.19 -4.93
CA LYS A 385 9.32 39.21 -4.45
C LYS A 385 8.73 38.35 -5.60
N LEU A 386 8.47 39.00 -6.73
CA LEU A 386 8.00 38.32 -7.95
C LEU A 386 9.07 37.43 -8.56
N GLN A 387 10.33 37.84 -8.46
CA GLN A 387 11.40 36.96 -8.89
C GLN A 387 11.50 35.74 -7.97
N GLU A 388 11.21 35.90 -6.67
CA GLU A 388 11.16 34.74 -5.76
C GLU A 388 10.05 33.74 -6.09
N LEU A 389 8.84 34.25 -6.29
CA LEU A 389 7.73 33.37 -6.57
C LEU A 389 7.92 32.71 -7.92
N GLU A 390 8.43 33.48 -8.89
CA GLU A 390 8.70 32.90 -10.20
C GLU A 390 9.86 31.92 -10.06
N ALA A 391 10.58 32.01 -8.95
CA ALA A 391 11.73 31.13 -8.69
C ALA A 391 11.43 29.81 -7.99
N ASN A 392 10.40 29.77 -7.14
CA ASN A 392 10.07 28.56 -6.39
C ASN A 392 8.73 27.98 -6.79
N PRO A 393 8.63 27.45 -8.02
CA PRO A 393 7.34 26.94 -8.44
C PRO A 393 7.15 25.53 -7.92
N PRO A 394 5.93 25.18 -7.50
CA PRO A 394 5.73 23.83 -7.01
C PRO A 394 5.91 22.83 -8.14
N SER A 395 5.83 21.55 -7.82
CA SER A 395 6.11 20.48 -8.75
C SER A 395 5.14 20.48 -9.92
N ASP A 396 5.70 20.31 -11.11
CA ASP A 396 4.99 20.39 -12.38
C ASP A 396 3.91 19.32 -12.51
N VAL A 397 4.23 18.09 -12.11
CA VAL A 397 3.29 16.96 -12.19
C VAL A 397 3.25 16.08 -10.94
N TYR A 398 2.33 15.12 -10.94
CA TYR A 398 2.31 14.15 -9.87
C TYR A 398 3.14 12.95 -10.30
N LEU A 399 2.93 12.50 -11.54
CA LEU A 399 3.72 11.39 -12.07
C LEU A 399 3.94 11.47 -13.56
N SER A 400 5.19 11.28 -14.00
CA SER A 400 5.48 11.18 -15.43
C SER A 400 5.11 9.80 -15.94
N SER A 401 5.39 9.51 -17.20
CA SER A 401 5.05 8.21 -17.74
C SER A 401 5.98 7.16 -17.18
N ARG A 402 7.27 7.47 -17.17
CA ARG A 402 8.24 6.57 -16.55
C ARG A 402 7.82 6.33 -15.12
N ASP A 403 7.37 7.39 -14.47
CA ASP A 403 6.84 7.29 -13.12
C ASP A 403 5.70 6.27 -12.97
N ARG A 404 4.53 6.58 -13.53
CA ARG A 404 3.35 5.72 -13.45
C ARG A 404 3.66 4.29 -13.89
N GLN A 405 4.59 4.11 -14.83
CA GLN A 405 4.99 2.78 -15.28
C GLN A 405 5.77 1.99 -14.25
N ILE A 406 6.74 2.62 -13.62
CA ILE A 406 7.45 1.93 -12.54
C ILE A 406 6.49 1.62 -11.40
N LEU A 407 5.66 2.61 -11.07
CA LEU A 407 4.58 2.41 -10.11
C LEU A 407 3.70 1.19 -10.49
N ASP A 408 3.42 1.05 -11.78
CA ASP A 408 2.64 -0.05 -12.28
C ASP A 408 3.34 -1.35 -12.03
N TRP A 409 4.67 -1.33 -12.09
CA TRP A 409 5.41 -2.53 -11.78
C TRP A 409 5.31 -2.88 -10.31
N HIS A 410 5.20 -1.88 -9.46
CA HIS A 410 5.04 -2.24 -8.03
C HIS A 410 3.66 -2.81 -7.73
N PHE A 411 2.65 -2.22 -8.37
CA PHE A 411 1.29 -2.74 -8.35
C PHE A 411 1.24 -4.19 -8.88
N ALA A 412 1.98 -4.47 -9.95
CA ALA A 412 2.05 -5.82 -10.50
C ALA A 412 2.70 -6.74 -9.48
N ASN A 413 3.69 -6.27 -8.76
CA ASN A 413 4.24 -7.13 -7.71
C ASN A 413 3.15 -7.50 -6.68
N LEU A 414 2.30 -6.55 -6.36
CA LEU A 414 1.20 -6.79 -5.43
C LEU A 414 0.19 -7.80 -5.98
N GLU A 415 -0.20 -7.57 -7.23
CA GLU A 415 -1.12 -8.43 -7.96
C GLU A 415 -0.58 -9.85 -8.03
N PHE A 416 0.74 -9.94 -8.01
CA PHE A 416 1.35 -11.25 -8.02
C PHE A 416 1.32 -11.93 -6.66
N ALA A 417 1.58 -11.21 -5.59
CA ALA A 417 1.60 -11.87 -4.29
C ALA A 417 0.20 -12.31 -3.85
N ASN A 418 -0.81 -11.71 -4.46
CA ASN A 418 -2.16 -12.06 -4.14
C ASN A 418 -2.83 -12.89 -5.19
N ALA A 419 -2.10 -13.10 -6.27
CA ALA A 419 -2.60 -13.77 -7.46
C ALA A 419 -3.97 -13.27 -7.89
N THR A 420 -4.09 -11.97 -8.17
CA THR A 420 -5.35 -11.39 -8.61
C THR A 420 -5.23 -9.86 -8.87
N PRO A 421 -5.94 -9.35 -9.89
CA PRO A 421 -6.14 -7.91 -10.10
C PRO A 421 -6.54 -7.14 -8.84
N LEU A 422 -5.87 -6.02 -8.54
CA LEU A 422 -6.14 -5.34 -7.28
C LEU A 422 -7.58 -4.84 -7.25
N SER A 423 -8.25 -4.92 -8.40
CA SER A 423 -9.62 -4.46 -8.50
C SER A 423 -10.59 -5.44 -7.86
N THR A 424 -10.09 -6.63 -7.52
CA THR A 424 -10.89 -7.73 -6.98
C THR A 424 -10.72 -7.94 -5.46
N LEU A 425 -9.57 -7.48 -4.91
CA LEU A 425 -9.24 -7.59 -3.48
C LEU A 425 -10.17 -6.76 -2.61
N SER A 426 -10.49 -7.25 -1.42
CA SER A 426 -11.27 -6.44 -0.50
C SER A 426 -10.43 -5.33 0.05
N LEU A 427 -10.93 -4.11 -0.06
CA LEU A 427 -10.20 -3.02 0.55
C LEU A 427 -10.04 -3.32 2.01
N LYS A 428 -11.17 -3.56 2.67
CA LYS A 428 -11.12 -3.73 4.11
C LYS A 428 -10.37 -5.00 4.56
N HIS A 429 -10.41 -6.08 3.79
CA HIS A 429 -9.85 -7.35 4.32
C HIS A 429 -8.69 -8.06 3.62
N TRP A 430 -8.20 -7.51 2.52
CA TRP A 430 -7.16 -8.17 1.77
C TRP A 430 -5.86 -8.44 2.56
N ASP A 431 -5.62 -7.66 3.60
CA ASP A 431 -4.32 -7.72 4.27
C ASP A 431 -4.48 -8.48 5.56
N GLN A 432 -5.69 -8.94 5.86
CA GLN A 432 -6.01 -9.51 7.17
C GLN A 432 -5.17 -10.71 7.66
N ASP A 433 -4.45 -11.41 6.78
CA ASP A 433 -3.59 -12.51 7.24
C ASP A 433 -2.25 -12.01 7.80
N ASP A 434 -2.02 -10.68 7.68
CA ASP A 434 -0.71 -10.06 7.89
C ASP A 434 -0.24 -10.12 9.30
N ASP A 435 -1.22 -10.19 10.20
CA ASP A 435 -0.88 -10.27 11.60
C ASP A 435 -0.22 -11.57 12.02
N PHE A 436 -0.16 -12.55 11.14
CA PHE A 436 0.30 -13.86 11.59
C PHE A 436 1.47 -14.32 10.79
N GLU A 437 1.99 -13.40 9.98
CA GLU A 437 3.07 -13.71 9.07
C GLU A 437 4.23 -14.19 9.90
N PHE A 438 5.03 -15.06 9.32
CA PHE A 438 6.14 -15.64 10.06
C PHE A 438 7.33 -14.69 10.13
N THR A 439 8.26 -15.01 11.01
CA THR A 439 9.46 -14.20 11.09
C THR A 439 10.70 -14.83 10.47
N GLY A 440 11.54 -14.00 9.88
CA GLY A 440 12.72 -14.53 9.25
C GLY A 440 12.56 -14.38 7.77
N SER A 441 13.69 -14.48 7.09
CA SER A 441 13.76 -14.34 5.65
C SER A 441 13.05 -15.49 4.91
N HIS A 442 12.39 -15.10 3.82
CA HIS A 442 11.67 -16.02 2.97
C HIS A 442 12.72 -16.89 2.28
N LEU A 443 12.34 -18.12 1.97
CA LEU A 443 13.29 -19.04 1.40
C LEU A 443 12.79 -19.90 0.27
N THR A 444 13.69 -20.37 -0.60
CA THR A 444 13.32 -21.28 -1.67
C THR A 444 13.81 -22.67 -1.40
N VAL A 445 13.26 -23.63 -2.12
CA VAL A 445 13.70 -25.00 -2.02
C VAL A 445 14.53 -25.46 -3.21
N ARG A 446 15.84 -25.69 -3.03
CA ARG A 446 16.68 -25.95 -4.19
C ARG A 446 16.41 -27.29 -4.90
N ASN A 447 16.03 -28.32 -4.15
CA ASN A 447 15.76 -29.64 -4.75
C ASN A 447 14.31 -29.76 -5.21
N GLY A 448 13.56 -28.68 -5.05
CA GLY A 448 12.17 -28.62 -5.45
C GLY A 448 11.30 -28.88 -4.26
N TYR A 449 10.09 -28.34 -4.29
CA TYR A 449 9.17 -28.48 -3.17
C TYR A 449 8.42 -29.80 -3.17
N SER A 450 8.53 -30.55 -4.26
CA SER A 450 7.86 -31.82 -4.48
C SER A 450 8.30 -32.80 -3.42
N CYS A 451 9.58 -32.78 -3.08
CA CYS A 451 10.08 -33.69 -2.07
C CYS A 451 9.16 -33.79 -0.84
N VAL A 452 8.58 -32.68 -0.38
CA VAL A 452 7.68 -32.74 0.79
C VAL A 452 6.36 -33.57 0.65
N PRO A 453 5.59 -33.39 -0.43
CA PRO A 453 4.37 -34.19 -0.59
C PRO A 453 4.76 -35.63 -0.74
N VAL A 454 5.81 -35.83 -1.54
CA VAL A 454 6.31 -37.17 -1.75
C VAL A 454 6.58 -37.82 -0.40
N ALA A 455 7.44 -37.18 0.39
CA ALA A 455 7.78 -37.63 1.73
C ALA A 455 6.57 -38.01 2.57
N LEU A 456 5.53 -37.20 2.46
CA LEU A 456 4.34 -37.38 3.27
C LEU A 456 3.58 -38.60 2.86
N ALA A 457 3.67 -38.89 1.57
CA ALA A 457 2.86 -39.93 0.97
C ALA A 457 3.35 -41.34 1.32
N GLU A 458 4.54 -41.44 1.88
CA GLU A 458 5.08 -42.72 2.31
C GLU A 458 4.19 -43.40 3.34
N GLY A 459 3.76 -44.61 3.00
CA GLY A 459 3.00 -45.42 3.91
C GLY A 459 1.52 -45.24 3.73
N LEU A 460 1.14 -44.47 2.72
CA LEU A 460 -0.26 -44.12 2.56
C LEU A 460 -0.95 -44.84 1.41
N ASP A 461 -2.23 -45.19 1.61
CA ASP A 461 -3.00 -45.82 0.55
C ASP A 461 -3.56 -44.79 -0.39
N ILE A 462 -2.81 -44.50 -1.45
CA ILE A 462 -3.25 -43.44 -2.36
C ILE A 462 -3.65 -44.02 -3.71
N LYS A 463 -4.84 -43.66 -4.16
CA LYS A 463 -5.33 -44.12 -5.46
C LYS A 463 -5.16 -43.01 -6.49
N LEU A 464 -4.15 -43.12 -7.36
CA LEU A 464 -3.99 -42.09 -8.39
C LEU A 464 -4.86 -42.35 -9.59
N ASN A 465 -5.08 -41.30 -10.36
CA ASN A 465 -5.89 -41.33 -11.57
C ASN A 465 -7.30 -41.69 -11.26
N THR A 466 -7.77 -41.15 -10.14
CA THR A 466 -9.09 -41.43 -9.66
C THR A 466 -9.82 -40.13 -9.46
N ALA A 467 -10.64 -39.76 -10.42
CA ALA A 467 -11.36 -38.52 -10.30
C ALA A 467 -12.72 -38.67 -9.63
N VAL A 468 -12.85 -38.11 -8.43
CA VAL A 468 -14.13 -38.19 -7.74
C VAL A 468 -15.14 -37.40 -8.55
N ARG A 469 -16.27 -38.03 -8.77
CA ARG A 469 -17.36 -37.47 -9.52
C ARG A 469 -18.49 -37.03 -8.65
N GLN A 470 -18.80 -37.84 -7.64
CA GLN A 470 -19.90 -37.49 -6.78
C GLN A 470 -19.69 -37.95 -5.32
N VAL A 471 -20.24 -37.18 -4.38
CA VAL A 471 -20.15 -37.49 -2.95
C VAL A 471 -21.55 -37.65 -2.37
N ARG A 472 -21.75 -38.76 -1.68
CA ARG A 472 -23.03 -39.09 -1.10
C ARG A 472 -22.76 -39.30 0.36
N TYR A 473 -23.50 -38.59 1.21
CA TYR A 473 -23.27 -38.63 2.66
C TYR A 473 -24.65 -38.70 3.28
N THR A 474 -24.81 -39.65 4.20
CA THR A 474 -26.14 -39.96 4.76
C THR A 474 -25.99 -40.21 6.25
N ALA A 475 -27.11 -40.30 6.95
CA ALA A 475 -27.06 -40.49 8.39
C ALA A 475 -26.26 -41.70 8.87
N SER A 476 -25.83 -42.54 7.97
CA SER A 476 -25.36 -43.86 8.33
C SER A 476 -23.99 -44.17 7.78
N GLY A 477 -23.48 -43.25 6.96
CA GLY A 477 -22.18 -43.37 6.34
C GLY A 477 -22.18 -42.62 5.02
N CYS A 478 -21.09 -42.81 4.27
CA CYS A 478 -20.90 -42.14 2.99
C CYS A 478 -20.41 -43.07 1.94
N GLU A 479 -20.78 -42.74 0.69
CA GLU A 479 -20.17 -43.34 -0.49
C GLU A 479 -19.71 -42.25 -1.46
N VAL A 480 -18.46 -42.39 -1.88
CA VAL A 480 -17.83 -41.59 -2.91
C VAL A 480 -17.76 -42.35 -4.22
N ILE A 481 -18.25 -41.72 -5.27
CA ILE A 481 -18.19 -42.29 -6.61
C ILE A 481 -17.13 -41.63 -7.43
N ALA A 482 -16.15 -42.41 -7.88
CA ALA A 482 -15.06 -41.87 -8.71
C ALA A 482 -14.88 -42.67 -10.02
N VAL A 483 -14.06 -42.15 -10.92
CA VAL A 483 -13.76 -42.86 -12.18
C VAL A 483 -12.27 -42.92 -12.42
N ASN A 484 -11.86 -43.83 -13.29
CA ASN A 484 -10.48 -43.82 -13.76
C ASN A 484 -10.29 -42.66 -14.75
N THR A 485 -9.24 -41.86 -14.60
CA THR A 485 -9.11 -40.69 -15.46
C THR A 485 -8.67 -41.09 -16.87
N ARG A 486 -7.96 -42.20 -16.95
CA ARG A 486 -7.44 -42.71 -18.20
C ARG A 486 -8.59 -43.30 -19.05
N SER A 487 -9.41 -44.14 -18.42
CA SER A 487 -10.63 -44.67 -19.06
C SER A 487 -11.84 -44.26 -18.22
N THR A 488 -12.47 -43.13 -18.54
CA THR A 488 -13.61 -42.64 -17.75
C THR A 488 -14.91 -43.32 -18.03
N SER A 489 -14.86 -44.64 -18.06
CA SER A 489 -15.99 -45.53 -18.25
C SER A 489 -15.93 -46.42 -17.04
N GLN A 490 -14.70 -46.68 -16.61
CA GLN A 490 -14.47 -47.51 -15.46
C GLN A 490 -14.97 -46.73 -14.25
N THR A 491 -15.57 -47.44 -13.32
CA THR A 491 -16.11 -46.80 -12.13
C THR A 491 -15.77 -47.46 -10.84
N PHE A 492 -15.61 -46.58 -9.85
CA PHE A 492 -15.25 -47.01 -8.53
C PHE A 492 -16.22 -46.46 -7.50
N ILE A 493 -16.46 -47.28 -6.51
CA ILE A 493 -17.34 -46.88 -5.43
C ILE A 493 -16.67 -47.18 -4.10
N TYR A 494 -16.52 -46.13 -3.28
CA TYR A 494 -15.83 -46.23 -2.00
C TYR A 494 -16.77 -45.88 -0.84
N LYS A 495 -16.88 -46.79 0.13
CA LYS A 495 -17.76 -46.54 1.26
C LYS A 495 -16.95 -46.27 2.53
N CYS A 496 -17.42 -45.37 3.38
CA CYS A 496 -16.61 -44.83 4.50
C CYS A 496 -17.46 -44.18 5.61
N ASP A 497 -16.92 -44.05 6.82
CA ASP A 497 -17.64 -43.32 7.88
C ASP A 497 -17.67 -41.78 7.71
N ALA A 498 -16.61 -41.22 7.14
CA ALA A 498 -16.59 -39.81 6.80
C ALA A 498 -15.69 -39.53 5.59
N VAL A 499 -16.07 -38.49 4.86
CA VAL A 499 -15.24 -37.96 3.80
C VAL A 499 -14.53 -36.64 4.19
N LEU A 500 -13.21 -36.60 4.05
CA LEU A 500 -12.45 -35.37 4.03
C LEU A 500 -12.26 -34.85 2.59
N CYS A 501 -12.97 -33.78 2.30
CA CYS A 501 -12.88 -33.02 1.06
C CYS A 501 -11.78 -31.92 1.03
N THR A 502 -10.77 -32.09 0.21
CA THR A 502 -9.76 -31.07 0.18
C THR A 502 -9.70 -30.59 -1.25
N LEU A 503 -10.86 -30.58 -1.89
CA LEU A 503 -10.96 -30.06 -3.25
C LEU A 503 -10.66 -28.61 -3.21
N PRO A 504 -9.80 -28.15 -4.14
CA PRO A 504 -9.42 -26.75 -4.39
C PRO A 504 -10.66 -25.89 -4.52
N LEU A 505 -10.56 -24.63 -4.14
CA LEU A 505 -11.77 -23.83 -4.08
C LEU A 505 -12.21 -23.54 -5.51
N GLY A 506 -11.26 -23.63 -6.45
CA GLY A 506 -11.55 -23.41 -7.85
C GLY A 506 -12.46 -24.48 -8.44
N VAL A 507 -12.10 -25.71 -8.10
CA VAL A 507 -12.87 -26.89 -8.38
C VAL A 507 -14.24 -26.80 -7.76
N LEU A 508 -14.28 -26.46 -6.47
CA LEU A 508 -15.57 -26.37 -5.78
C LEU A 508 -16.42 -25.28 -6.36
N LYS A 509 -15.77 -24.43 -7.13
CA LYS A 509 -16.45 -23.23 -7.57
C LYS A 509 -17.15 -23.47 -8.88
N GLN A 510 -16.74 -24.57 -9.56
CA GLN A 510 -17.07 -24.92 -10.97
C GLN A 510 -18.55 -24.95 -11.30
N GLN A 511 -18.88 -24.44 -12.48
CA GLN A 511 -20.25 -24.41 -13.03
C GLN A 511 -20.21 -24.67 -14.56
N PRO A 512 -20.74 -25.82 -14.98
CA PRO A 512 -21.44 -26.76 -14.09
C PRO A 512 -20.47 -27.68 -13.35
N PRO A 513 -20.92 -28.24 -12.23
CA PRO A 513 -20.17 -28.97 -11.21
C PRO A 513 -19.31 -30.14 -11.65
N ALA A 514 -18.02 -30.10 -11.35
CA ALA A 514 -17.13 -31.22 -11.58
C ALA A 514 -17.34 -32.34 -10.56
N VAL A 515 -17.82 -31.96 -9.37
CA VAL A 515 -18.15 -32.90 -8.31
C VAL A 515 -19.53 -32.56 -7.76
N GLN A 516 -20.32 -33.60 -7.58
CA GLN A 516 -21.70 -33.47 -7.22
C GLN A 516 -21.85 -33.91 -5.79
N PHE A 517 -22.65 -33.17 -5.01
CA PHE A 517 -22.83 -33.56 -3.63
C PHE A 517 -24.25 -34.05 -3.43
N VAL A 518 -24.35 -35.20 -2.77
CA VAL A 518 -25.68 -35.72 -2.47
C VAL A 518 -25.81 -36.02 -0.97
N PRO A 519 -26.64 -35.21 -0.28
CA PRO A 519 -27.41 -34.10 -0.86
C PRO A 519 -26.54 -32.86 -1.15
N PRO A 520 -27.14 -31.83 -1.77
CA PRO A 520 -26.31 -30.68 -2.05
C PRO A 520 -25.82 -29.96 -0.81
N LEU A 521 -24.63 -29.36 -0.92
CA LEU A 521 -24.12 -28.50 0.14
C LEU A 521 -25.17 -27.43 0.44
N PRO A 522 -25.34 -27.09 1.72
CA PRO A 522 -26.33 -26.12 2.20
C PRO A 522 -25.99 -24.75 1.71
N GLU A 523 -27.00 -23.90 1.60
CA GLU A 523 -26.81 -22.61 0.96
C GLU A 523 -25.68 -21.82 1.61
N TRP A 524 -25.56 -21.92 2.93
CA TRP A 524 -24.56 -21.20 3.63
C TRP A 524 -23.13 -21.56 3.23
N LYS A 525 -22.95 -22.72 2.62
CA LYS A 525 -21.62 -23.17 2.29
C LYS A 525 -21.31 -22.75 0.87
N THR A 526 -22.35 -22.81 0.06
CA THR A 526 -22.19 -22.58 -1.36
C THR A 526 -21.97 -21.09 -1.55
N SER A 527 -22.77 -20.27 -0.85
CA SER A 527 -22.61 -18.81 -0.80
C SER A 527 -21.25 -18.35 -0.33
N ALA A 528 -20.75 -18.97 0.72
CA ALA A 528 -19.38 -18.76 1.10
C ALA A 528 -18.44 -19.07 -0.03
N VAL A 529 -18.70 -20.14 -0.79
CA VAL A 529 -17.79 -20.54 -1.88
C VAL A 529 -17.80 -19.53 -3.02
N GLN A 530 -18.99 -19.05 -3.34
CA GLN A 530 -19.12 -18.02 -4.33
C GLN A 530 -18.45 -16.70 -3.92
N ARG A 531 -18.59 -16.36 -2.65
CA ARG A 531 -18.07 -15.09 -2.15
C ARG A 531 -16.59 -14.99 -2.20
N MET A 532 -15.93 -16.10 -1.92
CA MET A 532 -14.47 -16.10 -1.91
C MET A 532 -13.92 -15.81 -3.27
N GLY A 533 -12.60 -15.70 -3.30
CA GLY A 533 -11.88 -15.32 -4.48
C GLY A 533 -10.91 -16.42 -4.71
N PHE A 534 -10.89 -16.93 -5.90
CA PHE A 534 -9.85 -17.90 -6.21
C PHE A 534 -9.13 -17.27 -7.37
N GLY A 535 -7.82 -17.07 -7.21
CA GLY A 535 -7.10 -16.20 -8.10
C GLY A 535 -6.23 -17.03 -9.01
N ASN A 536 -5.26 -16.38 -9.67
CA ASN A 536 -4.48 -16.98 -10.76
C ASN A 536 -3.12 -16.28 -10.89
N LEU A 537 -2.12 -17.12 -11.15
CA LEU A 537 -0.73 -16.72 -11.28
C LEU A 537 0.06 -17.75 -12.05
N ASN A 538 0.94 -17.35 -12.97
CA ASN A 538 1.64 -18.35 -13.80
C ASN A 538 3.16 -18.21 -13.88
N LYS A 539 3.88 -19.29 -14.21
CA LYS A 539 5.35 -19.23 -14.36
C LYS A 539 5.86 -19.74 -15.73
N VAL A 540 7.01 -19.23 -16.17
CA VAL A 540 7.67 -19.72 -17.39
C VAL A 540 9.09 -20.17 -17.03
N VAL A 541 9.33 -21.47 -17.14
CA VAL A 541 10.63 -22.00 -16.81
C VAL A 541 11.51 -21.97 -18.06
N LEU A 542 12.66 -21.33 -17.90
CA LEU A 542 13.65 -21.14 -18.93
C LEU A 542 14.96 -21.82 -18.57
N CYS A 543 15.28 -22.86 -19.32
CA CYS A 543 16.47 -23.65 -19.09
C CYS A 543 17.49 -23.46 -20.19
N PHE A 544 18.54 -22.74 -19.83
CA PHE A 544 19.64 -22.45 -20.73
C PHE A 544 20.81 -23.36 -20.43
N ASP A 545 21.88 -23.18 -21.18
CA ASP A 545 23.08 -24.00 -21.06
C ASP A 545 24.23 -23.27 -20.44
N ARG A 546 24.07 -21.97 -20.23
CA ARG A 546 25.08 -21.23 -19.49
C ARG A 546 24.48 -19.96 -18.89
N VAL A 547 24.87 -19.65 -17.66
CA VAL A 547 24.39 -18.44 -16.97
C VAL A 547 24.80 -17.12 -17.64
N PHE A 548 23.82 -16.35 -18.14
CA PHE A 548 24.16 -15.05 -18.72
C PHE A 548 23.61 -13.86 -17.91
N TRP A 549 23.28 -14.06 -16.64
CA TRP A 549 22.74 -12.98 -15.83
C TRP A 549 23.66 -12.74 -14.67
N ASP A 550 23.28 -11.81 -13.80
CA ASP A 550 24.05 -11.56 -12.58
C ASP A 550 23.69 -12.62 -11.53
N PRO A 551 24.64 -13.52 -11.24
CA PRO A 551 24.52 -14.69 -10.36
C PRO A 551 24.46 -14.34 -8.88
N SER A 552 24.62 -13.05 -8.58
CA SER A 552 24.51 -12.55 -7.22
C SER A 552 23.13 -11.96 -7.04
N VAL A 553 22.42 -11.86 -8.15
CA VAL A 553 21.05 -11.37 -8.14
C VAL A 553 20.09 -12.54 -8.26
N ASN A 554 19.29 -12.72 -7.21
CA ASN A 554 18.35 -13.82 -7.23
C ASN A 554 17.21 -13.50 -8.14
N LEU A 555 16.88 -12.21 -8.19
CA LEU A 555 15.71 -11.78 -8.92
C LEU A 555 15.77 -10.36 -9.49
N PHE A 556 15.18 -10.18 -10.68
CA PHE A 556 15.13 -8.85 -11.30
C PHE A 556 13.88 -8.54 -12.14
N GLY A 557 13.44 -7.29 -12.15
CA GLY A 557 12.19 -6.94 -12.81
C GLY A 557 12.30 -6.39 -14.21
N HIS A 558 11.15 -6.30 -14.90
CA HIS A 558 11.00 -5.65 -16.20
C HIS A 558 9.72 -4.83 -16.16
N VAL A 559 9.78 -3.58 -16.62
CA VAL A 559 8.63 -2.71 -16.45
C VAL A 559 7.75 -2.69 -17.67
N GLY A 560 6.44 -2.73 -17.45
CA GLY A 560 5.57 -2.85 -18.59
C GLY A 560 5.26 -1.50 -19.16
N SER A 561 5.06 -1.51 -20.48
CA SER A 561 4.71 -0.33 -21.26
C SER A 561 3.36 0.26 -20.87
N THR A 562 2.37 -0.62 -20.65
CA THR A 562 1.02 -0.17 -20.35
C THR A 562 0.64 -0.55 -18.94
N THR A 563 -0.41 0.10 -18.44
CA THR A 563 -1.02 -0.27 -17.19
C THR A 563 -1.54 -1.69 -17.33
N ALA A 564 -2.17 -1.95 -18.47
CA ALA A 564 -2.86 -3.23 -18.73
C ALA A 564 -1.94 -4.43 -18.79
N SER A 565 -0.73 -4.22 -19.30
CA SER A 565 0.21 -5.30 -19.45
C SER A 565 1.21 -5.29 -18.31
N ARG A 566 0.84 -4.63 -17.20
CA ARG A 566 1.77 -4.47 -16.09
C ARG A 566 2.19 -5.82 -15.48
N GLY A 567 1.35 -6.84 -15.65
CA GLY A 567 1.68 -8.14 -15.08
C GLY A 567 2.30 -9.15 -16.00
N GLU A 568 2.60 -8.75 -17.23
CA GLU A 568 3.13 -9.70 -18.19
C GLU A 568 4.64 -9.81 -18.18
N LEU A 569 5.10 -10.94 -17.65
CA LEU A 569 6.52 -11.26 -17.57
C LEU A 569 7.27 -10.14 -16.83
N PHE A 570 6.61 -9.59 -15.82
CA PHE A 570 7.14 -8.49 -15.03
C PHE A 570 8.40 -8.84 -14.23
N LEU A 571 8.52 -10.06 -13.72
CA LEU A 571 9.69 -10.40 -12.89
C LEU A 571 10.43 -11.71 -13.27
N PHE A 572 11.73 -11.83 -12.95
CA PHE A 572 12.53 -13.04 -13.22
C PHE A 572 13.33 -13.60 -12.00
N TRP A 573 13.45 -14.93 -11.86
CA TRP A 573 14.23 -15.55 -10.75
C TRP A 573 15.34 -16.48 -11.20
N ASN A 574 16.53 -16.32 -10.60
CA ASN A 574 17.62 -17.29 -10.63
C ASN A 574 17.83 -17.71 -9.21
N LEU A 575 17.31 -18.88 -8.87
CA LEU A 575 17.40 -19.38 -7.53
C LEU A 575 18.02 -20.73 -7.52
N TYR A 576 18.08 -21.29 -8.71
CA TYR A 576 18.59 -22.62 -8.80
C TYR A 576 20.06 -22.52 -9.12
N LYS A 577 20.77 -23.55 -8.68
CA LYS A 577 22.20 -23.64 -8.83
C LYS A 577 22.49 -23.69 -10.31
N ALA A 578 21.65 -24.47 -11.00
CA ALA A 578 21.72 -24.68 -12.44
C ALA A 578 21.26 -23.42 -13.19
N PRO A 579 21.57 -23.33 -14.49
CA PRO A 579 21.08 -22.09 -15.07
C PRO A 579 19.61 -22.21 -15.42
N ILE A 580 18.79 -21.54 -14.63
CA ILE A 580 17.35 -21.56 -14.86
C ILE A 580 16.82 -20.23 -14.44
N LEU A 581 16.15 -19.59 -15.38
CA LEU A 581 15.39 -18.40 -15.05
C LEU A 581 13.89 -18.63 -15.05
N LEU A 582 13.18 -17.98 -14.13
CA LEU A 582 11.72 -18.12 -14.03
C LEU A 582 11.03 -16.79 -14.29
N ALA A 583 10.16 -16.78 -15.28
CA ALA A 583 9.51 -15.53 -15.65
C ALA A 583 8.11 -15.57 -15.08
N LEU A 584 7.69 -14.53 -14.39
CA LEU A 584 6.38 -14.56 -13.73
C LEU A 584 5.29 -13.81 -14.49
N VAL A 585 4.10 -14.42 -14.64
CA VAL A 585 2.94 -13.67 -15.14
C VAL A 585 1.81 -13.50 -14.12
N ALA A 586 1.46 -12.27 -13.76
CA ALA A 586 0.33 -12.09 -12.83
C ALA A 586 -0.67 -11.03 -13.25
N GLY A 587 -1.62 -10.70 -12.38
CA GLY A 587 -2.62 -9.69 -12.67
C GLY A 587 -3.58 -10.05 -13.79
N GLU A 588 -4.18 -9.06 -14.44
CA GLU A 588 -5.10 -9.34 -15.54
C GLU A 588 -4.38 -10.10 -16.64
N ALA A 589 -3.08 -9.92 -16.71
CA ALA A 589 -2.24 -10.51 -17.71
C ALA A 589 -2.15 -12.03 -17.56
N ALA A 590 -2.25 -12.51 -16.31
CA ALA A 590 -2.18 -13.94 -16.01
C ALA A 590 -3.12 -14.76 -16.88
N GLY A 591 -4.41 -14.43 -16.76
CA GLY A 591 -5.47 -15.11 -17.47
C GLY A 591 -5.36 -15.04 -18.99
N ILE A 592 -4.94 -13.88 -19.48
CA ILE A 592 -4.85 -13.65 -20.90
C ILE A 592 -3.70 -14.42 -21.54
N MET A 593 -2.53 -14.43 -20.91
CA MET A 593 -1.41 -15.20 -21.45
C MET A 593 -1.68 -16.71 -21.56
N GLU A 594 -2.74 -17.20 -20.93
CA GLU A 594 -3.02 -18.63 -21.01
C GLU A 594 -3.57 -18.99 -22.40
N ASN A 595 -4.17 -18.02 -23.11
CA ASN A 595 -4.65 -18.22 -24.50
C ASN A 595 -3.62 -17.92 -25.56
N ILE A 596 -2.37 -17.89 -25.16
CA ILE A 596 -1.29 -17.62 -26.08
C ILE A 596 -0.40 -18.85 -26.04
N SER A 597 0.11 -19.24 -27.21
CA SER A 597 0.90 -20.45 -27.32
C SER A 597 2.21 -20.35 -26.55
N ASP A 598 2.72 -21.50 -26.13
CA ASP A 598 3.99 -21.61 -25.44
C ASP A 598 5.07 -20.84 -26.16
N ASP A 599 5.12 -21.03 -27.47
CA ASP A 599 6.18 -20.49 -28.30
C ASP A 599 6.16 -18.99 -28.29
N VAL A 600 5.01 -18.39 -28.61
CA VAL A 600 4.88 -16.95 -28.56
C VAL A 600 5.37 -16.39 -27.21
N ILE A 601 5.05 -17.11 -26.15
CA ILE A 601 5.34 -16.67 -24.81
C ILE A 601 6.83 -16.69 -24.49
N VAL A 602 7.50 -17.81 -24.77
CA VAL A 602 8.95 -17.85 -24.60
C VAL A 602 9.59 -16.80 -25.52
N GLY A 603 8.86 -16.44 -26.57
CA GLY A 603 9.27 -15.38 -27.46
C GLY A 603 9.31 -14.05 -26.75
N ARG A 604 8.19 -13.64 -26.18
CA ARG A 604 8.13 -12.39 -25.45
C ARG A 604 9.22 -12.39 -24.35
N CYS A 605 9.50 -13.58 -23.78
CA CYS A 605 10.57 -13.73 -22.77
C CYS A 605 11.97 -13.41 -23.26
N LEU A 606 12.41 -14.13 -24.29
CA LEU A 606 13.74 -13.93 -24.83
C LEU A 606 13.88 -12.52 -25.37
N ALA A 607 12.79 -11.98 -25.89
CA ALA A 607 12.76 -10.57 -26.26
C ALA A 607 13.20 -9.70 -25.08
N ILE A 608 12.39 -9.70 -24.01
CA ILE A 608 12.74 -8.91 -22.82
C ILE A 608 14.18 -9.14 -22.37
N LEU A 609 14.57 -10.41 -22.33
CA LEU A 609 15.91 -10.79 -21.90
C LEU A 609 17.03 -10.22 -22.77
N LYS A 610 16.83 -10.18 -24.09
CA LYS A 610 17.78 -9.58 -25.03
C LYS A 610 17.83 -8.07 -24.87
N GLY A 611 16.68 -7.47 -24.62
CA GLY A 611 16.61 -6.06 -24.35
C GLY A 611 17.47 -5.72 -23.14
N ILE A 612 17.46 -6.58 -22.15
CA ILE A 612 18.23 -6.30 -20.94
C ILE A 612 19.69 -6.73 -21.03
N PHE A 613 19.98 -7.75 -21.82
CA PHE A 613 21.32 -8.37 -21.84
C PHE A 613 22.04 -8.37 -23.20
N GLY A 614 21.39 -7.90 -24.27
CA GLY A 614 22.02 -7.85 -25.59
C GLY A 614 21.84 -9.11 -26.43
N SER A 615 21.52 -8.93 -27.72
CA SER A 615 21.08 -10.03 -28.57
C SER A 615 22.11 -11.16 -28.72
N SER A 616 23.36 -10.84 -28.43
CA SER A 616 24.43 -11.80 -28.62
C SER A 616 24.81 -12.56 -27.35
N ALA A 617 24.07 -12.33 -26.25
CA ALA A 617 24.42 -12.96 -24.97
C ALA A 617 23.33 -13.89 -24.44
N VAL A 618 22.18 -13.89 -25.10
CA VAL A 618 21.04 -14.72 -24.73
C VAL A 618 20.86 -15.81 -25.77
N PRO A 619 20.87 -17.08 -25.32
CA PRO A 619 20.72 -18.23 -26.21
C PRO A 619 19.41 -18.96 -26.07
N GLN A 620 19.04 -19.71 -27.10
CA GLN A 620 17.78 -20.41 -27.03
C GLN A 620 17.75 -21.38 -25.84
N PRO A 621 16.60 -21.44 -25.15
CA PRO A 621 16.46 -22.32 -23.99
C PRO A 621 16.55 -23.77 -24.44
N LYS A 622 17.44 -24.53 -23.80
CA LYS A 622 17.48 -25.97 -24.00
C LYS A 622 16.10 -26.57 -23.70
N GLU A 623 15.51 -26.11 -22.58
CA GLU A 623 14.18 -26.63 -22.21
C GLU A 623 13.23 -25.51 -21.72
N THR A 624 11.97 -25.53 -22.15
CA THR A 624 10.98 -24.54 -21.67
C THR A 624 9.66 -25.15 -21.25
N VAL A 625 9.15 -24.63 -20.12
CA VAL A 625 7.87 -25.06 -19.55
C VAL A 625 6.91 -23.91 -19.17
N VAL A 626 5.62 -23.97 -19.51
CA VAL A 626 4.74 -22.85 -19.11
C VAL A 626 3.47 -23.23 -18.33
N SER A 627 3.36 -22.87 -17.05
CA SER A 627 2.14 -23.15 -16.28
C SER A 627 0.90 -22.51 -16.91
N ARG A 628 -0.25 -23.10 -16.59
CA ARG A 628 -1.55 -22.61 -17.02
C ARG A 628 -2.58 -23.04 -15.98
N TRP A 629 -2.50 -22.42 -14.81
CA TRP A 629 -3.14 -22.98 -13.63
C TRP A 629 -4.62 -22.83 -13.65
N ARG A 630 -5.12 -21.77 -14.26
CA ARG A 630 -6.55 -21.58 -14.31
C ARG A 630 -7.16 -22.65 -15.23
N ALA A 631 -6.38 -23.02 -16.24
CA ALA A 631 -6.77 -24.03 -17.23
C ALA A 631 -6.79 -25.45 -16.66
N ASP A 632 -5.81 -25.77 -15.81
CA ASP A 632 -5.78 -27.04 -15.07
C ASP A 632 -7.13 -27.32 -14.40
N PRO A 633 -7.76 -28.43 -14.75
CA PRO A 633 -9.09 -28.76 -14.22
C PRO A 633 -9.14 -29.30 -12.77
N TRP A 634 -7.99 -29.65 -12.22
CA TRP A 634 -7.85 -30.12 -10.85
C TRP A 634 -7.54 -28.97 -9.88
N ALA A 635 -7.03 -27.89 -10.44
CA ALA A 635 -6.78 -26.70 -9.68
C ALA A 635 -7.84 -25.62 -9.96
N ARG A 636 -7.99 -25.25 -11.24
CA ARG A 636 -8.94 -24.22 -11.69
C ARG A 636 -8.57 -22.83 -11.18
N GLY A 637 -7.26 -22.61 -10.99
CA GLY A 637 -6.76 -21.34 -10.47
C GLY A 637 -5.54 -21.61 -9.62
N SER A 638 -4.96 -20.56 -9.02
CA SER A 638 -3.77 -20.75 -8.20
C SER A 638 -3.99 -20.83 -6.69
N TYR A 639 -4.66 -19.85 -6.09
CA TYR A 639 -4.99 -19.85 -4.65
C TYR A 639 -6.06 -18.82 -4.31
N SER A 640 -6.66 -18.96 -3.13
CA SER A 640 -7.71 -18.04 -2.71
C SER A 640 -7.17 -16.67 -2.25
N TYR A 641 -8.07 -15.69 -2.28
CA TYR A 641 -7.75 -14.33 -2.01
C TYR A 641 -9.00 -13.71 -1.39
N VAL A 642 -8.87 -12.67 -0.57
CA VAL A 642 -10.12 -12.13 -0.04
C VAL A 642 -10.74 -11.24 -1.06
N ALA A 643 -11.69 -11.80 -1.79
CA ALA A 643 -12.42 -11.04 -2.78
C ALA A 643 -13.13 -9.89 -2.09
N ALA A 644 -13.36 -8.80 -2.81
CA ALA A 644 -14.12 -7.72 -2.17
C ALA A 644 -15.56 -8.23 -2.04
N GLY A 645 -16.13 -8.06 -0.86
CA GLY A 645 -17.44 -8.62 -0.58
C GLY A 645 -17.29 -9.86 0.30
N SER A 646 -16.06 -10.38 0.39
CA SER A 646 -15.76 -11.53 1.24
C SER A 646 -15.06 -10.92 2.47
N SER A 647 -14.69 -11.80 3.39
CA SER A 647 -14.23 -11.48 4.73
C SER A 647 -13.47 -12.73 5.10
N GLY A 648 -12.64 -12.67 6.11
CA GLY A 648 -11.95 -13.88 6.50
C GLY A 648 -12.89 -14.84 7.18
N ASN A 649 -14.10 -14.35 7.44
CA ASN A 649 -15.11 -15.12 8.13
C ASN A 649 -15.61 -16.29 7.20
N ASP A 650 -15.62 -16.03 5.90
CA ASP A 650 -15.90 -17.03 4.91
C ASP A 650 -14.98 -18.22 4.97
N TYR A 651 -13.69 -18.00 5.24
CA TYR A 651 -12.73 -19.10 5.33
C TYR A 651 -13.19 -20.04 6.44
N ASP A 652 -13.72 -19.42 7.49
CA ASP A 652 -14.22 -20.18 8.62
C ASP A 652 -15.46 -20.99 8.27
N LEU A 653 -16.44 -20.37 7.63
CA LEU A 653 -17.53 -21.10 6.96
C LEU A 653 -17.05 -22.32 6.12
N MET A 654 -16.15 -22.10 5.14
CA MET A 654 -15.49 -23.20 4.42
C MET A 654 -15.05 -24.33 5.31
N ALA A 655 -14.53 -24.04 6.50
CA ALA A 655 -14.01 -25.18 7.27
C ALA A 655 -15.10 -25.91 8.10
N GLN A 656 -16.31 -25.36 8.18
CA GLN A 656 -17.39 -26.00 8.95
C GLN A 656 -17.85 -27.32 8.31
N PRO A 657 -17.78 -28.43 9.05
CA PRO A 657 -18.17 -29.72 8.53
C PRO A 657 -19.68 -29.88 8.40
N ILE A 658 -20.14 -30.71 7.44
CA ILE A 658 -21.57 -30.91 7.15
C ILE A 658 -22.21 -32.19 7.76
N THR A 659 -23.38 -31.99 8.36
CA THR A 659 -24.12 -33.06 9.04
C THR A 659 -25.43 -33.38 8.36
N PRO A 660 -25.45 -34.56 7.70
CA PRO A 660 -26.58 -35.16 6.99
C PRO A 660 -27.79 -35.22 7.87
N GLY A 661 -28.98 -34.99 7.33
CA GLY A 661 -30.20 -35.14 8.10
C GLY A 661 -30.40 -36.61 8.43
N PRO A 662 -31.34 -36.90 9.34
CA PRO A 662 -31.57 -38.29 9.77
C PRO A 662 -32.10 -39.16 8.61
N SER A 663 -31.88 -40.48 8.68
CA SER A 663 -32.41 -41.41 7.66
C SER A 663 -33.86 -41.65 7.99
N ILE A 664 -34.11 -42.30 9.12
CA ILE A 664 -35.44 -42.35 9.69
C ILE A 664 -35.76 -40.98 10.26
N PRO A 665 -37.01 -40.51 10.08
CA PRO A 665 -37.53 -39.25 10.63
C PRO A 665 -37.94 -39.34 12.12
N GLY A 666 -37.55 -38.34 12.92
CA GLY A 666 -37.80 -38.36 14.36
C GLY A 666 -36.74 -39.25 14.98
N ALA A 667 -35.67 -39.43 14.24
CA ALA A 667 -34.54 -40.17 14.75
C ALA A 667 -33.48 -39.13 15.10
N PRO A 668 -32.66 -39.45 16.11
CA PRO A 668 -31.73 -38.51 16.70
C PRO A 668 -30.80 -37.87 15.68
N GLN A 669 -30.25 -36.72 16.07
CA GLN A 669 -29.31 -35.98 15.26
C GLN A 669 -28.11 -36.84 15.00
N PRO A 670 -27.63 -36.80 13.78
CA PRO A 670 -26.48 -37.63 13.45
C PRO A 670 -25.16 -36.86 13.45
N ILE A 671 -24.15 -37.68 13.57
CA ILE A 671 -22.81 -37.33 13.57
C ILE A 671 -22.47 -36.69 12.19
N PRO A 672 -21.58 -35.69 12.14
CA PRO A 672 -21.19 -35.06 10.89
C PRO A 672 -20.55 -36.05 9.91
N ARG A 673 -20.78 -35.98 8.61
CA ARG A 673 -20.13 -36.96 7.76
C ARG A 673 -19.09 -36.38 6.79
N LEU A 674 -19.32 -35.13 6.41
CA LEU A 674 -18.48 -34.42 5.45
C LEU A 674 -17.66 -33.33 6.14
N PHE A 675 -16.34 -33.36 5.88
CA PHE A 675 -15.31 -32.48 6.43
C PHE A 675 -14.49 -31.80 5.36
N PHE A 676 -14.03 -30.57 5.62
CA PHE A 676 -13.24 -29.82 4.64
C PHE A 676 -11.86 -29.33 5.04
N ALA A 677 -10.85 -29.55 4.22
CA ALA A 677 -9.54 -28.99 4.53
C ALA A 677 -8.98 -28.35 3.26
N GLY A 678 -7.69 -28.09 3.28
CA GLY A 678 -7.12 -27.23 2.27
C GLY A 678 -6.95 -25.75 2.59
N GLU A 679 -6.16 -25.13 1.71
CA GLU A 679 -5.77 -23.75 1.84
C GLU A 679 -6.93 -22.75 1.97
N HIS A 680 -8.01 -22.93 1.23
CA HIS A 680 -9.17 -22.03 1.29
C HIS A 680 -9.86 -22.08 2.66
N THR A 681 -9.59 -23.10 3.48
CA THR A 681 -10.26 -23.24 4.78
C THR A 681 -9.63 -22.70 6.07
N ILE A 682 -8.49 -22.04 5.94
CA ILE A 682 -7.79 -21.61 7.13
C ILE A 682 -7.61 -20.11 7.16
N ARG A 683 -8.36 -19.48 8.07
CA ARG A 683 -8.51 -18.04 8.17
C ARG A 683 -7.20 -17.28 8.28
N ASN A 684 -6.32 -17.76 9.14
CA ASN A 684 -5.11 -17.00 9.45
C ASN A 684 -3.94 -17.37 8.57
N TYR A 685 -4.09 -18.39 7.75
CA TYR A 685 -3.00 -18.81 6.86
C TYR A 685 -3.38 -19.26 5.45
N PRO A 686 -4.30 -18.53 4.79
CA PRO A 686 -4.75 -18.86 3.45
C PRO A 686 -3.67 -18.71 2.38
N ALA A 687 -3.86 -19.47 1.33
CA ALA A 687 -3.05 -19.51 0.13
C ALA A 687 -1.58 -19.87 0.30
N THR A 688 -1.32 -20.74 1.25
CA THR A 688 0.03 -21.20 1.55
C THR A 688 0.19 -22.72 1.81
N VAL A 689 1.35 -23.27 1.54
CA VAL A 689 1.54 -24.67 1.86
C VAL A 689 1.43 -24.93 3.35
N HIS A 690 2.01 -24.07 4.18
CA HIS A 690 1.90 -24.29 5.62
C HIS A 690 0.44 -24.17 6.05
N GLY A 691 -0.34 -23.35 5.36
CA GLY A 691 -1.77 -23.26 5.65
C GLY A 691 -2.52 -24.55 5.32
N ALA A 692 -2.24 -25.12 4.14
CA ALA A 692 -2.79 -26.40 3.75
C ALA A 692 -2.49 -27.40 4.84
N LEU A 693 -1.20 -27.54 5.13
CA LEU A 693 -0.73 -28.42 6.18
C LEU A 693 -1.50 -28.27 7.50
N LEU A 694 -1.65 -27.04 7.94
CA LEU A 694 -2.31 -26.84 9.21
C LEU A 694 -3.75 -27.28 9.13
N SER A 695 -4.43 -26.98 8.02
CA SER A 695 -5.85 -27.35 7.91
C SER A 695 -6.01 -28.86 7.93
N GLY A 696 -5.09 -29.55 7.27
CA GLY A 696 -5.04 -31.00 7.35
C GLY A 696 -4.94 -31.50 8.79
N LEU A 697 -3.95 -31.03 9.52
CA LEU A 697 -3.78 -31.44 10.90
C LEU A 697 -5.07 -31.23 11.70
N ARG A 698 -5.67 -30.07 11.47
CA ARG A 698 -6.92 -29.69 12.11
C ARG A 698 -7.99 -30.72 11.94
N GLU A 699 -8.35 -30.98 10.68
CA GLU A 699 -9.51 -31.84 10.36
C GLU A 699 -9.24 -33.24 10.85
N ALA A 700 -8.03 -33.76 10.62
CA ALA A 700 -7.69 -35.07 11.17
C ALA A 700 -7.98 -35.12 12.66
N GLY A 701 -7.59 -34.07 13.39
CA GLY A 701 -7.89 -34.03 14.82
C GLY A 701 -9.37 -34.10 15.11
N ARG A 702 -10.16 -33.33 14.37
CA ARG A 702 -11.60 -33.21 14.57
C ARG A 702 -12.35 -34.51 14.27
N ILE A 703 -11.89 -35.15 13.20
CA ILE A 703 -12.43 -36.39 12.68
C ILE A 703 -12.16 -37.42 13.75
N ALA A 704 -10.91 -37.46 14.20
CA ALA A 704 -10.55 -38.46 15.20
C ALA A 704 -11.30 -38.27 16.51
N ASP A 705 -11.51 -37.03 16.90
CA ASP A 705 -12.32 -36.74 18.08
C ASP A 705 -13.70 -37.30 17.88
N GLN A 706 -14.19 -37.17 16.64
CA GLN A 706 -15.55 -37.63 16.33
C GLN A 706 -15.70 -39.11 16.46
N PHE A 707 -14.88 -39.85 15.71
CA PHE A 707 -15.15 -41.29 15.56
C PHE A 707 -14.41 -42.12 16.60
N LEU A 708 -13.26 -41.64 17.08
CA LEU A 708 -12.52 -42.36 18.11
C LEU A 708 -12.80 -41.89 19.55
N GLY A 709 -13.40 -40.72 19.68
CA GLY A 709 -13.70 -40.19 21.00
C GLY A 709 -12.49 -39.52 21.62
N ALA A 710 -12.77 -38.49 22.41
CA ALA A 710 -11.73 -37.69 23.02
C ALA A 710 -11.64 -38.02 24.49
N MET A 711 -10.62 -38.76 24.86
CA MET A 711 -10.51 -39.26 26.23
C MET A 711 -9.99 -38.17 27.19
N TYR A 712 -9.30 -37.18 26.63
CA TYR A 712 -8.57 -36.13 27.38
C TYR A 712 -9.38 -34.93 27.92
N THR A 713 -10.72 -35.03 27.90
CA THR A 713 -11.58 -33.89 28.26
C THR A 713 -12.24 -33.99 29.68
N LEU A 714 -11.90 -35.00 30.47
CA LEU A 714 -12.46 -35.14 31.84
C LEU A 714 -11.50 -34.59 32.91
N ARG B 4 -4.64 7.14 12.43
CA ARG B 4 -5.21 8.41 12.90
C ARG B 4 -4.78 9.61 12.06
N LYS B 5 -3.62 9.51 11.44
CA LYS B 5 -3.12 10.56 10.56
C LYS B 5 -2.57 9.97 9.26
N PRO B 6 -2.99 10.52 8.09
CA PRO B 6 -2.50 10.10 6.76
C PRO B 6 -0.98 10.17 6.68
N PRO B 7 -0.38 9.48 5.71
CA PRO B 7 1.08 9.65 5.56
C PRO B 7 1.38 11.11 5.22
N LYS B 8 2.52 11.64 5.63
CA LYS B 8 2.85 13.04 5.30
C LYS B 8 3.06 13.13 3.79
N GLY B 9 2.71 14.28 3.19
CA GLY B 9 2.78 14.42 1.74
C GLY B 9 1.66 13.71 0.99
N MET B 10 0.69 13.19 1.76
CA MET B 10 -0.50 12.55 1.21
C MET B 10 -1.68 13.37 1.69
N PHE B 11 -2.43 13.89 0.74
CA PHE B 11 -3.46 14.83 1.12
C PHE B 11 -4.79 14.18 0.88
N LEU B 12 -5.45 13.84 1.99
CA LEU B 12 -6.75 13.20 1.93
C LEU B 12 -7.72 14.02 2.76
N SER B 13 -8.65 14.68 2.08
CA SER B 13 -9.71 15.42 2.76
C SER B 13 -11.03 14.73 2.48
N GLN B 14 -11.96 14.81 3.43
CA GLN B 14 -13.28 14.21 3.29
C GLN B 14 -14.08 14.79 2.11
N GLU B 15 -14.22 16.12 2.17
CA GLU B 15 -14.82 16.93 1.12
C GLU B 15 -14.35 16.51 -0.27
N ASP B 16 -13.03 16.40 -0.40
CA ASP B 16 -12.41 16.08 -1.68
C ASP B 16 -12.75 14.68 -2.21
N VAL B 17 -12.77 13.68 -1.32
CA VAL B 17 -13.10 12.30 -1.71
C VAL B 17 -14.55 12.17 -2.17
N GLU B 18 -15.48 12.73 -1.41
CA GLU B 18 -16.87 12.75 -1.89
C GLU B 18 -17.03 13.51 -3.20
N ALA B 19 -16.22 14.56 -3.41
CA ALA B 19 -16.30 15.39 -4.62
C ALA B 19 -15.78 14.64 -5.86
N VAL B 20 -14.83 13.73 -5.66
CA VAL B 20 -14.27 12.97 -6.78
C VAL B 20 -14.94 11.57 -6.98
N SER B 21 -15.65 11.07 -5.96
CA SER B 21 -16.29 9.74 -6.05
C SER B 21 -17.72 9.82 -6.61
N ALA B 22 -18.32 11.01 -6.51
CA ALA B 22 -19.71 11.24 -6.83
C ALA B 22 -20.09 10.62 -8.17
N ASN B 23 -19.21 10.74 -9.16
CA ASN B 23 -19.49 10.24 -10.50
C ASN B 23 -18.44 9.29 -11.07
N ALA B 24 -18.72 8.78 -12.27
CA ALA B 24 -17.81 7.89 -13.00
C ALA B 24 -16.57 8.61 -13.50
N THR B 25 -16.73 9.89 -13.87
CA THR B 25 -15.61 10.72 -14.31
C THR B 25 -15.63 12.11 -13.69
N ALA B 26 -16.07 12.21 -12.43
CA ALA B 26 -15.97 13.49 -11.72
C ALA B 26 -14.48 13.79 -11.51
N ALA B 27 -13.68 12.73 -11.55
CA ALA B 27 -12.23 12.82 -11.46
C ALA B 27 -11.65 13.66 -12.58
N THR B 28 -11.77 13.15 -13.80
CA THR B 28 -11.26 13.85 -14.97
C THR B 28 -11.99 15.20 -15.21
N THR B 29 -13.16 15.38 -14.60
CA THR B 29 -13.88 16.66 -14.64
C THR B 29 -13.18 17.72 -13.80
N VAL B 30 -13.04 17.42 -12.51
CA VAL B 30 -12.27 18.30 -11.64
C VAL B 30 -10.87 18.58 -12.23
N LEU B 31 -10.20 17.53 -12.73
CA LEU B 31 -8.84 17.69 -13.25
C LEU B 31 -8.77 18.37 -14.63
N ARG B 32 -9.90 18.58 -15.30
CA ARG B 32 -9.91 19.40 -16.52
C ARG B 32 -10.25 20.82 -16.14
N GLN B 33 -11.22 21.01 -15.25
CA GLN B 33 -11.49 22.35 -14.74
C GLN B 33 -10.26 23.01 -14.13
N LEU B 34 -9.45 22.25 -13.42
CA LEU B 34 -8.27 22.84 -12.84
C LEU B 34 -7.23 23.20 -13.88
N ASP B 35 -7.14 22.40 -14.94
CA ASP B 35 -6.25 22.73 -16.05
C ASP B 35 -6.70 23.99 -16.75
N MET B 36 -8.01 24.11 -16.92
CA MET B 36 -8.62 25.30 -17.47
C MET B 36 -8.27 26.54 -16.59
N GLU B 37 -8.60 26.47 -15.30
CA GLU B 37 -8.26 27.53 -14.32
C GLU B 37 -6.82 27.96 -14.47
N LEU B 38 -5.94 26.97 -14.59
CA LEU B 38 -4.51 27.19 -14.73
C LEU B 38 -4.18 27.96 -15.98
N VAL B 39 -4.67 27.50 -17.13
CA VAL B 39 -4.32 28.21 -18.38
C VAL B 39 -4.84 29.65 -18.38
N SER B 40 -6.02 29.87 -17.81
CA SER B 40 -6.58 31.21 -17.82
C SER B 40 -5.81 32.14 -16.86
N VAL B 41 -5.39 31.62 -15.71
CA VAL B 41 -4.56 32.42 -14.80
C VAL B 41 -3.22 32.77 -15.43
N LYS B 42 -2.60 31.79 -16.08
CA LYS B 42 -1.33 32.06 -16.73
C LYS B 42 -1.48 33.13 -17.83
N ARG B 43 -2.59 33.09 -18.55
CA ARG B 43 -2.88 34.11 -19.55
C ARG B 43 -2.99 35.51 -18.93
N GLN B 44 -3.75 35.61 -17.85
CA GLN B 44 -3.85 36.90 -17.15
C GLN B 44 -2.48 37.41 -16.70
N ILE B 45 -1.64 36.50 -16.19
CA ILE B 45 -0.27 36.88 -15.86
C ILE B 45 0.45 37.47 -17.05
N GLN B 46 0.22 36.89 -18.22
CA GLN B 46 0.84 37.42 -19.44
C GLN B 46 0.40 38.85 -19.71
N ASN B 47 -0.92 39.04 -19.65
CA ASN B 47 -1.51 40.36 -19.85
C ASN B 47 -0.84 41.40 -18.93
N ILE B 48 -0.86 41.15 -17.63
CA ILE B 48 -0.37 42.12 -16.66
C ILE B 48 1.16 42.29 -16.67
N LYS B 49 1.88 41.25 -17.06
CA LYS B 49 3.33 41.33 -17.25
C LYS B 49 3.55 42.35 -18.35
N GLN B 50 2.74 42.27 -19.40
CA GLN B 50 2.82 43.20 -20.52
C GLN B 50 2.50 44.65 -20.13
N THR B 51 1.34 44.82 -19.51
CA THR B 51 0.88 46.10 -19.01
C THR B 51 1.95 46.76 -18.15
N ASN B 52 2.48 46.00 -17.20
CA ASN B 52 3.54 46.49 -16.34
C ASN B 52 4.82 46.80 -17.10
N SER B 53 5.12 46.02 -18.11
CA SER B 53 6.28 46.32 -18.96
C SER B 53 6.14 47.71 -19.60
N ALA B 54 4.94 48.01 -20.09
CA ALA B 54 4.66 49.30 -20.71
C ALA B 54 4.80 50.46 -19.69
N LEU B 55 4.16 50.31 -18.54
CA LEU B 55 4.27 51.33 -17.50
C LEU B 55 5.72 51.54 -17.07
N LYS B 56 6.50 50.47 -16.97
CA LYS B 56 7.92 50.60 -16.62
C LYS B 56 8.63 51.37 -17.73
N GLU B 57 8.19 51.18 -18.96
CA GLU B 57 8.80 51.91 -20.06
C GLU B 57 8.54 53.42 -19.96
N LYS B 58 7.34 53.80 -19.55
CA LYS B 58 7.03 55.23 -19.37
C LYS B 58 7.95 55.90 -18.34
N LEU B 59 8.18 55.23 -17.21
CA LEU B 59 9.02 55.81 -16.17
C LEU B 59 10.51 55.88 -16.52
N ASP B 60 10.85 55.65 -17.78
CA ASP B 60 12.25 55.68 -18.18
C ASP B 60 12.78 57.10 -18.12
N GLY B 61 13.77 57.29 -17.27
CA GLY B 61 14.37 58.59 -17.05
C GLY B 61 14.28 59.01 -15.60
N GLY B 62 13.77 58.11 -14.75
CA GLY B 62 13.56 58.40 -13.34
C GLY B 62 12.83 59.71 -13.19
N ILE B 63 13.09 60.41 -12.10
CA ILE B 63 12.67 61.81 -12.03
C ILE B 63 13.90 62.72 -11.96
N GLU B 64 15.05 62.22 -12.44
CA GLU B 64 16.34 62.88 -12.25
C GLU B 64 16.48 64.29 -12.80
N PRO B 65 16.01 64.53 -14.05
CA PRO B 65 16.04 65.89 -14.57
C PRO B 65 15.29 66.92 -13.73
N TYR B 66 14.50 66.43 -12.78
CA TYR B 66 13.52 67.25 -12.09
C TYR B 66 13.85 67.41 -10.63
N ARG B 67 14.94 66.80 -10.19
CA ARG B 67 15.25 66.89 -8.78
C ARG B 67 16.00 68.18 -8.45
N LEU B 68 15.62 68.77 -7.34
CA LEU B 68 16.25 69.99 -6.89
C LEU B 68 17.14 69.71 -5.70
N PRO B 69 18.35 70.28 -5.74
CA PRO B 69 19.34 70.26 -4.64
C PRO B 69 18.75 70.84 -3.36
N GLU B 70 19.33 70.51 -2.20
CA GLU B 70 18.73 70.86 -0.91
C GLU B 70 19.37 72.05 -0.19
N VAL B 71 18.53 73.04 0.14
CA VAL B 71 18.96 74.20 0.92
C VAL B 71 19.27 73.74 2.34
N ILE B 72 20.37 74.25 2.88
CA ILE B 72 20.90 73.75 4.14
C ILE B 72 20.87 74.89 5.20
N GLN B 73 19.93 75.81 5.07
CA GLN B 73 19.91 76.98 5.96
C GLN B 73 19.74 76.57 7.43
N LYS B 74 20.60 77.11 8.28
CA LYS B 74 20.61 76.81 9.71
C LYS B 74 19.44 77.50 10.38
N CYS B 75 18.80 76.84 11.34
CA CYS B 75 17.65 77.45 11.99
C CYS B 75 18.06 78.68 12.78
N ASN B 76 17.35 79.77 12.53
CA ASN B 76 17.55 81.05 13.21
C ASN B 76 16.32 81.42 14.03
N ALA B 77 16.54 82.10 15.16
CA ALA B 77 15.45 82.39 16.10
C ALA B 77 14.72 83.70 15.80
N ARG B 78 15.40 84.63 15.13
CA ARG B 78 14.83 85.94 14.81
C ARG B 78 13.99 85.87 13.55
N TRP B 79 12.74 86.32 13.68
CA TRP B 79 11.82 86.49 12.56
C TRP B 79 12.03 87.83 11.84
N THR B 80 12.58 87.76 10.64
CA THR B 80 12.61 88.94 9.79
C THR B 80 11.19 89.28 9.32
N THR B 81 10.95 90.55 9.04
CA THR B 81 9.69 90.97 8.43
C THR B 81 9.35 90.07 7.23
N GLU B 82 10.34 89.88 6.37
CA GLU B 82 10.25 88.95 5.26
C GLU B 82 9.76 87.57 5.70
N GLU B 83 10.44 86.99 6.69
CA GLU B 83 10.14 85.65 7.11
C GLU B 83 8.74 85.58 7.66
N GLN B 84 8.31 86.64 8.34
CA GLN B 84 6.94 86.70 8.82
C GLN B 84 5.94 86.65 7.68
N LEU B 85 6.23 87.41 6.60
CA LEU B 85 5.31 87.52 5.46
C LEU B 85 5.20 86.20 4.73
N LEU B 86 6.36 85.62 4.43
CA LEU B 86 6.43 84.24 3.97
C LEU B 86 5.52 83.35 4.81
N ALA B 87 5.70 83.41 6.12
CA ALA B 87 4.92 82.60 7.06
C ALA B 87 3.41 82.77 6.90
N VAL B 88 2.93 84.00 6.86
CA VAL B 88 1.50 84.22 6.64
C VAL B 88 1.00 83.58 5.34
N GLN B 89 1.72 83.82 4.26
CA GLN B 89 1.29 83.22 3.01
C GLN B 89 1.30 81.71 3.11
N ALA B 90 2.29 81.20 3.85
CA ALA B 90 2.47 79.77 4.06
C ALA B 90 1.29 79.19 4.79
N ILE B 91 0.73 79.96 5.70
CA ILE B 91 -0.45 79.54 6.42
C ILE B 91 -1.63 79.54 5.48
N ARG B 92 -1.76 80.62 4.71
CA ARG B 92 -2.82 80.70 3.72
C ARG B 92 -2.84 79.48 2.78
N LYS B 93 -1.67 79.00 2.37
CA LYS B 93 -1.62 77.90 1.38
C LYS B 93 -1.67 76.54 2.04
N TYR B 94 -1.06 76.40 3.21
CA TYR B 94 -0.90 75.08 3.83
C TYR B 94 -1.73 74.85 5.09
N GLY B 95 -2.33 75.91 5.61
CA GLY B 95 -3.16 75.81 6.80
C GLY B 95 -2.37 75.47 8.05
N ARG B 96 -2.51 74.22 8.49
CA ARG B 96 -1.87 73.75 9.72
C ARG B 96 -0.71 72.79 9.48
N ASP B 97 -0.27 72.64 8.24
CA ASP B 97 0.82 71.72 7.98
C ASP B 97 2.09 72.49 8.31
N PHE B 98 2.48 72.44 9.59
CA PHE B 98 3.64 73.17 10.06
C PHE B 98 4.93 72.77 9.38
N GLN B 99 5.11 71.47 9.12
CA GLN B 99 6.34 71.00 8.49
C GLN B 99 6.60 71.68 7.14
N ALA B 100 5.56 71.74 6.31
CA ALA B 100 5.58 72.46 5.05
C ALA B 100 6.01 73.91 5.23
N ILE B 101 5.40 74.54 6.23
CA ILE B 101 5.67 75.94 6.52
C ILE B 101 7.16 76.13 6.86
N SER B 102 7.65 75.28 7.75
CA SER B 102 9.05 75.31 8.12
C SER B 102 9.99 75.13 6.93
N ASP B 103 9.57 74.29 5.97
CA ASP B 103 10.38 74.03 4.79
C ASP B 103 10.40 75.22 3.85
N VAL B 104 9.26 75.89 3.74
CA VAL B 104 9.19 77.10 2.95
C VAL B 104 10.13 78.19 3.52
N ILE B 105 9.95 78.53 4.79
CA ILE B 105 10.75 79.59 5.38
C ILE B 105 12.23 79.23 5.47
N GLY B 106 12.49 77.95 5.63
CA GLY B 106 13.81 77.39 5.40
C GLY B 106 14.81 77.52 6.54
N ASN B 107 14.59 78.49 7.41
CA ASN B 107 15.48 78.65 8.56
C ASN B 107 14.67 78.81 9.83
N LYS B 108 13.52 78.15 9.86
CA LYS B 108 12.75 78.05 11.09
C LYS B 108 12.31 76.61 11.29
N SER B 109 12.24 76.23 12.57
CA SER B 109 11.81 74.90 12.98
C SER B 109 10.32 74.90 13.25
N VAL B 110 9.74 73.71 13.26
CA VAL B 110 8.30 73.51 13.39
C VAL B 110 7.67 74.14 14.64
N VAL B 111 8.41 74.06 15.73
CA VAL B 111 7.97 74.60 17.00
C VAL B 111 8.05 76.12 16.97
N GLN B 112 9.09 76.65 16.33
CA GLN B 112 9.20 78.09 16.15
C GLN B 112 7.99 78.56 15.37
N VAL B 113 7.55 77.72 14.43
CA VAL B 113 6.36 77.99 13.61
C VAL B 113 5.08 78.03 14.45
N LYS B 114 4.89 77.02 15.30
CA LYS B 114 3.78 77.03 16.25
C LYS B 114 3.78 78.29 17.17
N ASN B 115 4.94 78.59 17.72
CA ASN B 115 5.13 79.81 18.49
C ASN B 115 4.70 81.04 17.72
N PHE B 116 5.13 81.11 16.46
CA PHE B 116 4.73 82.19 15.57
C PHE B 116 3.21 82.29 15.52
N PHE B 117 2.58 81.12 15.32
CA PHE B 117 1.12 81.02 15.31
C PHE B 117 0.51 81.75 16.50
N VAL B 118 1.08 81.51 17.69
CA VAL B 118 0.47 82.13 18.86
C VAL B 118 0.82 83.58 19.11
N ASN B 119 2.10 83.91 18.96
CA ASN B 119 2.59 85.24 19.25
C ASN B 119 1.93 86.28 18.37
N TYR B 120 1.81 85.93 17.10
CA TYR B 120 1.36 86.89 16.14
C TYR B 120 -0.09 86.72 15.79
N ARG B 121 -0.77 85.81 16.48
CA ARG B 121 -2.16 85.51 16.17
C ARG B 121 -3.02 86.76 16.13
N ARG B 122 -2.75 87.65 17.08
CA ARG B 122 -3.48 88.89 17.14
C ARG B 122 -3.25 89.81 15.96
N ARG B 123 -1.98 89.92 15.59
CA ARG B 123 -1.52 90.82 14.53
C ARG B 123 -1.57 90.34 13.10
N PHE B 124 -1.75 89.04 12.92
CA PHE B 124 -1.81 88.56 11.56
C PHE B 124 -3.19 88.02 11.25
N ASN B 125 -4.09 88.09 12.23
CA ASN B 125 -5.46 87.61 12.06
C ASN B 125 -5.35 86.20 11.55
N ILE B 126 -4.50 85.44 12.22
CA ILE B 126 -4.20 84.09 11.82
C ILE B 126 -5.50 83.31 11.78
N ASP B 127 -6.36 83.55 12.75
CA ASP B 127 -7.66 82.91 12.74
C ASP B 127 -8.31 82.97 11.35
N GLU B 128 -8.45 84.21 10.85
CA GLU B 128 -9.05 84.47 9.55
C GLU B 128 -8.34 83.74 8.42
N VAL B 129 -7.02 83.86 8.41
CA VAL B 129 -6.18 83.16 7.46
C VAL B 129 -6.53 81.68 7.41
N LEU B 130 -6.59 81.08 8.58
CA LEU B 130 -6.84 79.67 8.68
C LEU B 130 -8.20 79.28 8.15
N GLN B 131 -9.24 80.01 8.56
CA GLN B 131 -10.58 79.67 8.09
C GLN B 131 -10.66 79.77 6.56
N GLU B 132 -9.94 80.75 6.01
CA GLU B 132 -9.87 80.92 4.57
C GLU B 132 -9.18 79.75 3.89
N TRP B 133 -8.14 79.20 4.53
CA TRP B 133 -7.54 77.96 3.99
C TRP B 133 -8.52 76.80 4.04
N GLU B 134 -9.31 76.75 5.10
CA GLU B 134 -10.27 75.67 5.30
C GLU B 134 -11.39 75.68 4.27
N ALA B 135 -11.75 76.86 3.80
CA ALA B 135 -12.74 76.95 2.72
C ALA B 135 -12.27 76.19 1.44
N GLU B 136 -10.96 76.05 1.26
CA GLU B 136 -10.39 75.29 0.15
C GLU B 136 -10.21 73.82 0.50
N LEU C 7 8.29 -9.98 0.93
CA LEU C 7 8.82 -10.88 -0.14
C LEU C 7 7.82 -11.68 -0.74
N LEU C 8 6.82 -12.39 0.03
CA LEU C 8 5.71 -13.21 -0.53
C LEU C 8 4.55 -13.07 0.27
#